data_5MSA
#
_entry.id   5MSA
#
_cell.length_a   77.170
_cell.length_b   74.157
_cell.length_c   91.559
_cell.angle_alpha   90.000
_cell.angle_beta   108.850
_cell.angle_gamma   90.000
#
_symmetry.space_group_name_H-M   'P 1 21 1'
#
loop_
_entity.id
_entity.type
_entity.pdbx_description
1 polymer 'Carbonic anhydrase 12'
2 non-polymer 'ZINC ION'
3 non-polymer 2,3,5,6-tetrafluoro-4-(propylsulfanyl)benzenesulfonamide
4 non-polymer 1,2-ETHANEDIOL
5 non-polymer DI(HYDROXYETHYL)ETHER
6 non-polymer 'CITRIC ACID'
7 water water
#
_entity_poly.entity_id   1
_entity_poly.type   'polypeptide(L)'
_entity_poly.pdbx_seq_one_letter_code
;MSKWTYFGPDGENSWSKKYPSCGGLLQSPIDLHSDILQYDASLTPLEFQGYNLSANKQFLLTNNGHSVKLNLPSDMHIQG
LQSRYSATQLHLHWGNPNDPHGSEHTVSGQHFAAELHIVHYNSDLYPDASTASNKSEGLAVLAVLIEMGSFNPSYDKIFS
HLQHVKYKGQEAFVPGFNIEELLPERTAEYYRYRGSLTTPPCNPTVLWTVFRNPVQISQEQLLALETALYCTHMDDPSPR
EMINNFRQVQKFDERLVYTSFSQ
;
_entity_poly.pdbx_strand_id   A,B,C,D
#
loop_
_chem_comp.id
_chem_comp.type
_chem_comp.name
_chem_comp.formula
3TV non-polymer 2,3,5,6-tetrafluoro-4-(propylsulfanyl)benzenesulfonamide 'C9 H9 F4 N O2 S2'
CIT non-polymer 'CITRIC ACID' 'C6 H8 O7'
EDO non-polymer 1,2-ETHANEDIOL 'C2 H6 O2'
PEG non-polymer DI(HYDROXYETHYL)ETHER 'C4 H10 O3'
ZN non-polymer 'ZINC ION' 'Zn 2'
#
# COMPACT_ATOMS: atom_id res chain seq x y z
N LYS A 3 -34.63 -4.39 8.88
CA LYS A 3 -33.23 -4.80 8.64
C LYS A 3 -32.76 -4.21 7.31
N TRP A 4 -31.67 -4.77 6.85
CA TRP A 4 -31.03 -4.26 5.66
C TRP A 4 -31.68 -4.86 4.45
N THR A 5 -31.60 -4.14 3.36
CA THR A 5 -32.18 -4.58 2.10
C THR A 5 -31.22 -4.15 0.96
N TYR A 6 -31.58 -4.51 -0.27
CA TYR A 6 -30.89 -4.03 -1.46
C TYR A 6 -31.62 -2.89 -2.18
N PHE A 7 -32.67 -2.36 -1.62
CA PHE A 7 -33.50 -1.39 -2.33
C PHE A 7 -34.04 -0.43 -1.29
N GLY A 8 -34.32 0.81 -1.69
CA GLY A 8 -35.16 1.70 -0.88
C GLY A 8 -34.33 2.17 0.29
N PRO A 9 -34.96 2.65 1.32
CA PRO A 9 -34.32 3.35 2.41
C PRO A 9 -33.27 2.56 3.16
N ASP A 10 -33.40 1.25 3.14
CA ASP A 10 -32.50 0.39 3.90
C ASP A 10 -31.45 -0.28 3.03
N GLY A 11 -31.34 0.21 1.81
CA GLY A 11 -30.42 -0.25 0.79
C GLY A 11 -28.94 0.02 1.11
N GLU A 12 -28.09 -0.32 0.13
CA GLU A 12 -26.70 -0.49 0.44
C GLU A 12 -25.99 0.82 0.84
N ASN A 13 -26.47 1.98 0.38
CA ASN A 13 -25.79 3.20 0.78
C ASN A 13 -25.99 3.52 2.29
N SER A 14 -27.00 2.86 2.90
CA SER A 14 -27.33 3.04 4.31
C SER A 14 -26.79 1.92 5.19
N TRP A 15 -26.21 0.85 4.65
CA TRP A 15 -25.77 -0.22 5.50
C TRP A 15 -24.74 0.25 6.55
N SER A 16 -23.92 1.22 6.24
CA SER A 16 -22.85 1.62 7.16
C SER A 16 -23.37 2.24 8.44
N LYS A 17 -24.61 2.70 8.48
N LYS A 17 -24.67 2.61 8.45
CA LYS A 17 -25.06 3.28 9.77
CA LYS A 17 -25.29 3.21 9.69
C LYS A 17 -24.95 2.18 10.87
C LYS A 17 -25.39 2.19 10.82
N LYS A 18 -25.54 1.00 10.59
N LYS A 18 -25.94 1.02 10.53
CA LYS A 18 -25.71 0.02 11.64
CA LYS A 18 -25.92 -0.06 11.49
C LYS A 18 -24.66 -1.06 11.47
C LYS A 18 -24.59 -0.88 11.50
N TYR A 19 -23.95 -1.00 10.34
CA TYR A 19 -22.89 -1.97 10.08
C TYR A 19 -21.65 -1.22 9.65
N PRO A 20 -20.93 -0.65 10.63
N PRO A 20 -20.81 -0.69 10.61
CA PRO A 20 -19.92 0.26 10.22
CA PRO A 20 -19.74 0.25 10.27
C PRO A 20 -18.87 -0.29 9.26
C PRO A 20 -18.70 -0.29 9.30
N SER A 21 -18.54 -1.62 9.28
CA SER A 21 -17.55 -2.11 8.37
C SER A 21 -17.94 -1.95 6.89
N CYS A 22 -19.24 -1.72 6.64
CA CYS A 22 -19.66 -1.50 5.26
C CYS A 22 -19.15 -0.20 4.68
N GLY A 23 -18.65 0.70 5.54
CA GLY A 23 -17.99 1.89 5.09
C GLY A 23 -16.50 1.91 5.35
N GLY A 24 -15.91 0.74 5.65
CA GLY A 24 -14.51 0.63 5.99
C GLY A 24 -13.68 0.11 4.85
N LEU A 25 -12.53 -0.46 5.21
CA LEU A 25 -11.55 -0.91 4.25
C LEU A 25 -11.95 -2.27 3.66
N LEU A 26 -11.30 -2.56 2.54
CA LEU A 26 -11.26 -3.88 1.89
C LEU A 26 -12.66 -4.33 1.42
N GLN A 27 -13.49 -3.40 0.99
CA GLN A 27 -14.86 -3.81 0.64
C GLN A 27 -14.93 -4.50 -0.73
N SER A 28 -15.81 -5.49 -0.78
CA SER A 28 -16.15 -6.24 -1.97
C SER A 28 -17.63 -5.96 -2.31
N PRO A 29 -18.03 -6.26 -3.56
CA PRO A 29 -17.28 -6.78 -4.69
C PRO A 29 -16.52 -5.66 -5.42
N ILE A 30 -15.77 -6.04 -6.43
CA ILE A 30 -14.94 -5.14 -7.20
C ILE A 30 -15.03 -5.51 -8.68
N ASP A 31 -14.63 -4.57 -9.51
CA ASP A 31 -14.44 -4.82 -10.92
C ASP A 31 -13.07 -5.40 -11.14
N LEU A 32 -13.04 -6.51 -11.81
CA LEU A 32 -11.79 -7.23 -12.14
C LEU A 32 -11.36 -6.80 -13.54
N HIS A 33 -10.41 -5.91 -13.65
CA HIS A 33 -10.05 -5.44 -15.01
C HIS A 33 -8.61 -5.43 -15.18
N SER A 34 -8.17 -5.36 -16.44
CA SER A 34 -6.80 -5.79 -16.79
C SER A 34 -5.73 -4.98 -16.05
N ASP A 35 -5.94 -3.66 -15.86
CA ASP A 35 -4.97 -2.76 -15.23
C ASP A 35 -4.57 -3.14 -13.84
N ILE A 36 -5.35 -3.96 -13.14
CA ILE A 36 -5.10 -4.26 -11.75
C ILE A 36 -4.83 -5.73 -11.56
N LEU A 37 -4.71 -6.49 -12.65
CA LEU A 37 -4.46 -7.97 -12.58
C LEU A 37 -2.98 -8.22 -12.59
N GLN A 38 -2.55 -9.18 -11.81
CA GLN A 38 -1.14 -9.51 -11.79
C GLN A 38 -1.01 -11.00 -11.62
N TYR A 39 -0.42 -11.65 -12.58
CA TYR A 39 -0.14 -13.08 -12.49
C TYR A 39 0.75 -13.32 -11.28
N ASP A 40 0.40 -14.38 -10.56
CA ASP A 40 1.15 -14.79 -9.39
C ASP A 40 1.29 -16.29 -9.52
N ALA A 41 2.49 -16.71 -9.93
CA ALA A 41 2.78 -18.14 -10.11
C ALA A 41 2.56 -18.94 -8.81
N SER A 42 2.54 -18.27 -7.66
CA SER A 42 2.29 -18.98 -6.41
C SER A 42 0.88 -19.51 -6.17
N LEU A 43 -0.06 -19.06 -6.98
CA LEU A 43 -1.51 -19.45 -6.85
C LEU A 43 -1.86 -20.80 -7.56
N THR A 44 -1.70 -21.85 -6.78
CA THR A 44 -1.81 -23.22 -7.24
C THR A 44 -3.27 -23.65 -7.14
N PRO A 45 -3.62 -24.75 -7.80
N PRO A 45 -3.60 -24.83 -7.68
CA PRO A 45 -5.02 -25.11 -7.75
CA PRO A 45 -4.99 -25.30 -7.78
C PRO A 45 -5.44 -25.48 -6.33
C PRO A 45 -5.54 -25.69 -6.41
N LEU A 46 -6.68 -25.11 -6.03
CA LEU A 46 -7.36 -25.54 -4.82
C LEU A 46 -7.80 -26.98 -4.97
N GLU A 47 -7.92 -27.66 -3.84
CA GLU A 47 -8.47 -29.00 -3.82
C GLU A 47 -9.77 -28.96 -3.06
N PHE A 48 -10.82 -29.55 -3.63
CA PHE A 48 -12.15 -29.48 -3.07
C PHE A 48 -12.44 -30.81 -2.41
N GLN A 49 -12.48 -30.85 -1.09
CA GLN A 49 -12.53 -32.10 -0.35
C GLN A 49 -13.87 -32.25 0.29
N GLY A 50 -14.45 -33.41 0.24
CA GLY A 50 -15.72 -33.62 0.87
C GLY A 50 -16.86 -32.91 0.13
N TYR A 51 -16.64 -32.48 -1.11
CA TYR A 51 -17.72 -31.81 -1.87
C TYR A 51 -18.74 -32.81 -2.40
N ASN A 52 -18.40 -34.09 -2.47
CA ASN A 52 -19.34 -35.05 -2.97
C ASN A 52 -20.25 -35.47 -1.82
N LEU A 53 -21.28 -34.68 -1.58
CA LEU A 53 -22.14 -34.86 -0.41
C LEU A 53 -22.91 -36.14 -0.48
N SER A 54 -23.01 -36.81 0.67
CA SER A 54 -23.73 -38.06 0.73
C SER A 54 -25.15 -37.96 0.14
N ALA A 55 -25.45 -38.79 -0.86
CA ALA A 55 -26.81 -38.90 -1.38
C ALA A 55 -27.78 -39.26 -0.27
N ASN A 56 -27.24 -39.82 0.83
CA ASN A 56 -28.04 -40.31 1.99
C ASN A 56 -28.26 -39.30 3.11
N LYS A 57 -27.78 -38.07 2.89
N LYS A 57 -27.82 -38.08 2.85
CA LYS A 57 -27.85 -36.99 3.89
CA LYS A 57 -27.98 -37.00 3.79
C LYS A 57 -28.67 -35.90 3.22
C LYS A 57 -28.84 -35.93 3.12
N GLN A 58 -29.46 -35.13 3.96
CA GLN A 58 -30.22 -33.99 3.42
C GLN A 58 -29.63 -32.71 3.97
N PHE A 59 -29.66 -31.67 3.13
CA PHE A 59 -29.03 -30.40 3.47
C PHE A 59 -30.07 -29.31 3.43
N LEU A 60 -30.09 -28.44 4.41
CA LEU A 60 -31.16 -27.47 4.61
C LEU A 60 -31.04 -26.28 3.65
N LEU A 61 -32.08 -26.03 2.86
CA LEU A 61 -32.19 -24.91 1.99
C LEU A 61 -33.11 -23.93 2.63
N THR A 62 -32.72 -22.66 2.60
N THR A 62 -32.71 -22.67 2.76
CA THR A 62 -33.45 -21.60 3.28
CA THR A 62 -33.60 -21.66 3.35
C THR A 62 -33.58 -20.40 2.37
C THR A 62 -33.56 -20.36 2.58
N ASN A 63 -34.74 -19.74 2.48
CA ASN A 63 -34.88 -18.37 2.01
C ASN A 63 -34.71 -17.50 3.23
N ASN A 64 -33.62 -16.73 3.31
CA ASN A 64 -33.38 -15.92 4.50
C ASN A 64 -33.79 -14.44 4.31
N GLY A 65 -34.56 -14.14 3.25
CA GLY A 65 -35.02 -12.80 3.03
C GLY A 65 -34.04 -11.98 2.18
N HIS A 66 -32.83 -12.51 1.96
CA HIS A 66 -31.78 -11.81 1.20
C HIS A 66 -31.32 -12.62 0.01
N SER A 67 -31.31 -13.94 0.16
CA SER A 67 -30.88 -14.90 -0.88
C SER A 67 -31.53 -16.24 -0.58
N VAL A 68 -31.22 -17.23 -1.39
CA VAL A 68 -31.49 -18.60 -1.05
C VAL A 68 -30.14 -19.22 -0.69
N LYS A 69 -30.12 -19.92 0.48
CA LYS A 69 -28.88 -20.48 1.00
C LYS A 69 -29.06 -21.99 1.23
N LEU A 70 -28.00 -22.73 0.92
CA LEU A 70 -27.91 -24.15 1.21
C LEU A 70 -26.88 -24.34 2.31
N ASN A 71 -27.26 -24.97 3.42
CA ASN A 71 -26.27 -25.27 4.46
C ASN A 71 -25.37 -26.39 3.97
N LEU A 72 -24.10 -26.33 4.35
CA LEU A 72 -23.10 -27.33 3.95
C LEU A 72 -22.41 -27.85 5.20
N PRO A 73 -21.90 -29.12 5.12
CA PRO A 73 -21.33 -29.74 6.33
C PRO A 73 -19.87 -29.34 6.53
N SER A 74 -19.39 -29.35 7.76
CA SER A 74 -18.07 -28.80 8.00
C SER A 74 -16.96 -29.81 7.61
N ASP A 75 -17.31 -31.09 7.25
CA ASP A 75 -16.24 -31.94 6.69
C ASP A 75 -15.94 -31.58 5.24
N MET A 76 -16.80 -30.81 4.57
CA MET A 76 -16.49 -30.27 3.26
C MET A 76 -15.52 -29.10 3.43
N HIS A 77 -14.46 -29.09 2.66
CA HIS A 77 -13.47 -28.04 2.87
C HIS A 77 -12.59 -27.82 1.66
N ILE A 78 -11.90 -26.69 1.62
N ILE A 78 -11.86 -26.72 1.73
CA ILE A 78 -10.88 -26.40 0.62
CA ILE A 78 -10.85 -26.31 0.79
C ILE A 78 -9.56 -26.73 1.29
C ILE A 78 -9.48 -26.70 1.32
N GLN A 79 -8.70 -27.36 0.49
CA GLN A 79 -7.30 -27.62 0.81
C GLN A 79 -6.44 -26.79 -0.15
N GLY A 80 -5.40 -26.19 0.36
CA GLY A 80 -4.50 -25.38 -0.45
C GLY A 80 -4.24 -24.01 0.18
N LEU A 81 -5.13 -23.52 1.03
CA LEU A 81 -4.95 -22.17 1.64
C LEU A 81 -4.11 -22.30 2.92
N GLN A 82 -3.79 -21.18 3.60
CA GLN A 82 -2.90 -21.22 4.80
C GLN A 82 -3.52 -21.92 5.98
N SER A 83 -4.78 -22.10 6.00
CA SER A 83 -5.51 -22.85 6.99
C SER A 83 -6.49 -23.68 6.19
N ARG A 84 -7.05 -24.71 6.81
CA ARG A 84 -8.20 -25.38 6.27
C ARG A 84 -9.39 -24.44 6.38
N TYR A 85 -10.13 -24.31 5.26
CA TYR A 85 -11.36 -23.56 5.31
C TYR A 85 -12.50 -24.52 5.02
N SER A 86 -13.38 -24.67 5.99
CA SER A 86 -14.48 -25.63 5.98
C SER A 86 -15.75 -24.93 5.54
N ALA A 87 -16.54 -25.63 4.70
CA ALA A 87 -17.74 -25.05 4.19
C ALA A 87 -18.73 -24.78 5.25
N THR A 88 -19.56 -23.74 5.03
CA THR A 88 -20.71 -23.46 5.87
C THR A 88 -21.98 -23.29 5.11
N GLN A 89 -22.00 -22.66 3.93
CA GLN A 89 -23.22 -22.49 3.15
C GLN A 89 -22.83 -22.02 1.78
N LEU A 90 -23.80 -22.20 0.85
CA LEU A 90 -23.70 -21.53 -0.45
C LEU A 90 -24.96 -20.73 -0.68
N HIS A 91 -24.86 -19.76 -1.57
CA HIS A 91 -26.03 -18.90 -1.92
C HIS A 91 -25.74 -18.19 -3.22
N LEU A 92 -26.73 -17.44 -3.73
CA LEU A 92 -26.62 -16.81 -5.01
C LEU A 92 -26.98 -15.33 -4.98
N HIS A 93 -26.57 -14.61 -6.01
CA HIS A 93 -26.97 -13.21 -6.22
C HIS A 93 -27.36 -13.10 -7.68
N TRP A 94 -28.41 -12.31 -7.96
CA TRP A 94 -28.92 -12.21 -9.33
C TRP A 94 -29.60 -10.84 -9.50
N GLY A 95 -29.99 -10.59 -10.74
CA GLY A 95 -30.62 -9.33 -11.17
C GLY A 95 -32.12 -9.46 -11.26
N ASN A 96 -32.65 -9.17 -12.43
CA ASN A 96 -34.10 -9.29 -12.63
C ASN A 96 -34.33 -9.50 -14.11
N PRO A 97 -35.56 -9.91 -14.49
CA PRO A 97 -35.71 -10.28 -15.91
C PRO A 97 -35.57 -9.12 -16.89
N ASN A 98 -35.82 -7.89 -16.44
N ASN A 98 -35.83 -7.87 -16.44
CA ASN A 98 -35.64 -6.76 -17.31
CA ASN A 98 -35.64 -6.69 -17.28
C ASN A 98 -34.19 -6.32 -17.40
C ASN A 98 -34.18 -6.28 -17.40
N ASP A 99 -33.31 -6.78 -16.51
CA ASP A 99 -31.90 -6.41 -16.54
C ASP A 99 -31.17 -7.59 -15.92
N PRO A 100 -31.01 -8.66 -16.67
CA PRO A 100 -30.57 -9.97 -16.09
C PRO A 100 -29.04 -10.04 -15.96
N HIS A 101 -28.52 -9.12 -15.15
CA HIS A 101 -27.04 -8.90 -15.02
C HIS A 101 -26.68 -8.63 -13.62
N GLY A 102 -26.87 -9.58 -12.77
CA GLY A 102 -26.85 -9.40 -11.32
C GLY A 102 -25.69 -10.07 -10.59
N SER A 103 -24.59 -10.39 -11.31
CA SER A 103 -23.40 -10.83 -10.55
C SER A 103 -22.95 -9.69 -9.65
N GLU A 104 -22.19 -10.02 -8.65
CA GLU A 104 -21.54 -9.00 -7.80
C GLU A 104 -20.24 -8.53 -8.36
N HIS A 105 -19.31 -9.44 -8.59
CA HIS A 105 -18.09 -9.05 -9.31
C HIS A 105 -18.40 -8.76 -10.73
N THR A 106 -17.65 -7.88 -11.33
CA THR A 106 -17.71 -7.61 -12.76
C THR A 106 -16.34 -7.89 -13.35
N VAL A 107 -16.29 -8.11 -14.66
CA VAL A 107 -15.04 -8.38 -15.38
C VAL A 107 -14.96 -7.36 -16.49
N SER A 108 -13.96 -6.48 -16.44
CA SER A 108 -13.82 -5.41 -17.42
C SER A 108 -15.12 -4.65 -17.52
N GLY A 109 -15.71 -4.35 -16.36
CA GLY A 109 -16.88 -3.54 -16.25
C GLY A 109 -18.20 -4.25 -16.53
N GLN A 110 -18.16 -5.52 -16.90
CA GLN A 110 -19.35 -6.25 -17.26
C GLN A 110 -19.82 -7.19 -16.20
N HIS A 111 -21.12 -7.12 -15.88
CA HIS A 111 -21.75 -8.09 -15.03
C HIS A 111 -21.98 -9.39 -15.78
N PHE A 112 -22.03 -10.45 -15.05
CA PHE A 112 -22.59 -11.72 -15.49
C PHE A 112 -24.03 -11.78 -15.01
N ALA A 113 -24.75 -12.78 -15.47
CA ALA A 113 -26.17 -12.90 -15.09
C ALA A 113 -26.36 -13.07 -13.62
N ALA A 114 -25.50 -13.90 -12.97
CA ALA A 114 -25.71 -14.19 -11.54
C ALA A 114 -24.35 -14.61 -11.00
N GLU A 115 -24.32 -14.92 -9.71
CA GLU A 115 -23.06 -15.32 -9.08
C GLU A 115 -23.38 -16.25 -7.92
N LEU A 116 -22.66 -17.37 -7.84
CA LEU A 116 -22.78 -18.31 -6.76
C LEU A 116 -21.59 -18.06 -5.83
N HIS A 117 -21.88 -18.10 -4.52
CA HIS A 117 -20.84 -18.03 -3.49
C HIS A 117 -20.89 -19.23 -2.63
N ILE A 118 -19.73 -19.88 -2.45
CA ILE A 118 -19.62 -21.03 -1.54
C ILE A 118 -18.70 -20.52 -0.42
N VAL A 119 -19.33 -20.35 0.74
CA VAL A 119 -18.71 -19.71 1.92
C VAL A 119 -18.08 -20.76 2.79
N HIS A 120 -16.83 -20.48 3.13
CA HIS A 120 -16.02 -21.36 4.05
C HIS A 120 -15.46 -20.51 5.15
N TYR A 121 -15.15 -21.15 6.28
CA TYR A 121 -14.55 -20.47 7.43
C TYR A 121 -13.29 -21.17 7.87
N ASN A 122 -12.40 -20.46 8.56
CA ASN A 122 -11.15 -20.99 8.99
C ASN A 122 -11.40 -21.88 10.22
N SER A 123 -11.53 -23.17 9.99
CA SER A 123 -11.84 -24.11 11.06
C SER A 123 -10.62 -24.51 11.81
N ASP A 124 -9.41 -24.19 11.34
CA ASP A 124 -8.28 -24.38 12.19
C ASP A 124 -8.21 -23.38 13.32
N LEU A 125 -8.71 -22.19 13.10
CA LEU A 125 -8.70 -21.11 14.10
C LEU A 125 -10.00 -20.94 14.87
N TYR A 126 -11.17 -21.19 14.26
CA TYR A 126 -12.47 -20.90 14.87
C TYR A 126 -13.42 -22.08 14.91
N PRO A 127 -14.40 -22.04 15.82
CA PRO A 127 -15.19 -23.24 15.97
C PRO A 127 -16.33 -23.31 14.98
N ASP A 128 -16.68 -22.17 14.41
CA ASP A 128 -17.84 -22.11 13.50
C ASP A 128 -17.72 -20.81 12.70
N ALA A 129 -18.55 -20.70 11.68
CA ALA A 129 -18.47 -19.59 10.80
C ALA A 129 -18.89 -18.28 11.41
N SER A 130 -19.83 -18.34 12.36
N SER A 130 -19.92 -18.27 12.26
CA SER A 130 -20.39 -17.16 12.92
CA SER A 130 -20.29 -16.99 12.80
C SER A 130 -19.33 -16.49 13.80
C SER A 130 -19.08 -16.45 13.58
N THR A 131 -18.45 -17.32 14.38
CA THR A 131 -17.35 -16.81 15.25
C THR A 131 -16.25 -16.31 14.33
N ALA A 132 -15.97 -17.07 13.26
CA ALA A 132 -14.90 -16.64 12.35
C ALA A 132 -15.16 -15.35 11.60
N SER A 133 -16.43 -14.98 11.40
CA SER A 133 -16.78 -14.04 10.33
C SER A 133 -16.24 -12.63 10.60
N ASN A 134 -16.04 -12.27 11.87
CA ASN A 134 -15.51 -10.98 12.15
C ASN A 134 -14.04 -11.05 12.63
N LYS A 135 -13.38 -12.15 12.32
CA LYS A 135 -12.02 -12.34 12.80
C LYS A 135 -11.03 -12.37 11.67
N SER A 136 -9.79 -12.09 12.04
CA SER A 136 -8.68 -12.23 11.14
C SER A 136 -8.64 -13.58 10.38
N GLU A 137 -8.54 -13.49 9.07
CA GLU A 137 -8.46 -14.70 8.27
C GLU A 137 -9.64 -15.60 8.42
N GLY A 138 -10.78 -15.00 8.71
CA GLY A 138 -11.86 -15.83 9.10
C GLY A 138 -12.51 -16.62 8.02
N LEU A 139 -12.62 -16.03 6.80
CA LEU A 139 -13.49 -16.60 5.80
C LEU A 139 -12.77 -16.74 4.44
N ALA A 140 -13.24 -17.71 3.64
CA ALA A 140 -12.80 -17.84 2.25
C ALA A 140 -14.05 -18.11 1.48
N VAL A 141 -14.29 -17.36 0.40
CA VAL A 141 -15.45 -17.58 -0.46
C VAL A 141 -14.98 -17.92 -1.85
N LEU A 142 -15.63 -18.93 -2.44
CA LEU A 142 -15.44 -19.24 -3.84
C LEU A 142 -16.62 -18.61 -4.60
N ALA A 143 -16.28 -17.92 -5.68
CA ALA A 143 -17.32 -17.26 -6.50
C ALA A 143 -17.28 -17.85 -7.91
N VAL A 144 -18.49 -18.23 -8.38
CA VAL A 144 -18.69 -18.71 -9.73
C VAL A 144 -19.57 -17.73 -10.45
N LEU A 145 -19.08 -17.23 -11.57
CA LEU A 145 -19.87 -16.37 -12.40
C LEU A 145 -20.78 -17.22 -13.28
N ILE A 146 -22.03 -16.76 -13.47
CA ILE A 146 -23.05 -17.49 -14.17
C ILE A 146 -23.58 -16.70 -15.32
N GLU A 147 -23.65 -17.33 -16.50
CA GLU A 147 -24.25 -16.71 -17.69
C GLU A 147 -25.34 -17.62 -18.25
N MET A 148 -26.32 -17.03 -18.93
N MET A 148 -26.04 -17.02 -19.22
CA MET A 148 -27.30 -17.85 -19.63
CA MET A 148 -27.06 -17.74 -19.95
C MET A 148 -26.66 -18.59 -20.86
C MET A 148 -26.39 -18.68 -20.93
N GLY A 149 -26.97 -19.88 -21.02
CA GLY A 149 -26.51 -20.76 -22.10
C GLY A 149 -27.29 -22.02 -21.99
N SER A 150 -26.59 -23.14 -21.99
CA SER A 150 -27.27 -24.42 -21.96
C SER A 150 -27.81 -24.78 -20.58
N PHE A 151 -28.87 -25.58 -20.56
CA PHE A 151 -29.38 -26.13 -19.34
C PHE A 151 -28.31 -26.80 -18.52
N ASN A 152 -28.37 -26.58 -17.21
CA ASN A 152 -27.33 -27.12 -16.30
C ASN A 152 -28.04 -28.05 -15.35
N PRO A 153 -27.93 -29.39 -15.55
CA PRO A 153 -28.58 -30.31 -14.62
C PRO A 153 -28.12 -30.13 -13.17
N SER A 154 -26.86 -29.79 -12.97
CA SER A 154 -26.35 -29.70 -11.58
C SER A 154 -26.97 -28.55 -10.85
N TYR A 155 -27.01 -27.37 -11.51
CA TYR A 155 -27.70 -26.28 -10.82
C TYR A 155 -29.13 -26.58 -10.58
N ASP A 156 -29.77 -27.40 -11.44
CA ASP A 156 -31.13 -27.77 -11.17
C ASP A 156 -31.33 -28.61 -9.89
N LYS A 157 -30.29 -29.21 -9.35
CA LYS A 157 -30.39 -29.96 -8.10
C LYS A 157 -30.74 -28.98 -6.99
N ILE A 158 -30.37 -27.72 -7.16
CA ILE A 158 -30.79 -26.68 -6.21
C ILE A 158 -32.08 -26.03 -6.68
N PHE A 159 -32.12 -25.64 -7.95
CA PHE A 159 -33.26 -24.83 -8.42
C PHE A 159 -34.56 -25.58 -8.40
N SER A 160 -34.58 -26.91 -8.49
CA SER A 160 -35.87 -27.68 -8.43
C SER A 160 -36.51 -27.56 -7.07
N HIS A 161 -35.77 -27.11 -6.05
CA HIS A 161 -36.36 -26.88 -4.75
C HIS A 161 -36.82 -25.49 -4.48
N LEU A 162 -36.62 -24.57 -5.42
CA LEU A 162 -36.99 -23.15 -5.15
C LEU A 162 -38.45 -23.01 -4.83
N GLN A 163 -39.30 -23.87 -5.43
CA GLN A 163 -40.75 -23.92 -5.16
C GLN A 163 -41.11 -24.03 -3.70
N HIS A 164 -40.21 -24.55 -2.90
CA HIS A 164 -40.48 -24.84 -1.46
C HIS A 164 -39.88 -23.82 -0.56
N VAL A 165 -39.13 -22.85 -1.09
CA VAL A 165 -38.58 -21.79 -0.24
C VAL A 165 -38.92 -20.41 -0.79
N LYS A 166 -40.15 -20.28 -1.29
CA LYS A 166 -40.63 -19.11 -1.91
C LYS A 166 -40.54 -17.84 -1.04
N TYR A 167 -40.89 -17.98 0.24
CA TYR A 167 -40.98 -16.82 1.13
C TYR A 167 -39.94 -16.87 2.24
N LYS A 168 -39.67 -15.69 2.77
CA LYS A 168 -38.70 -15.62 3.82
C LYS A 168 -39.06 -16.51 4.96
N GLY A 169 -38.07 -17.21 5.47
CA GLY A 169 -38.26 -18.08 6.58
C GLY A 169 -38.53 -19.54 6.19
N GLN A 170 -38.96 -19.78 4.97
CA GLN A 170 -39.26 -21.12 4.53
C GLN A 170 -37.96 -21.93 4.32
N GLU A 171 -38.09 -23.24 4.56
N GLU A 171 -38.15 -23.23 4.39
CA GLU A 171 -36.98 -24.19 4.57
CA GLU A 171 -37.06 -24.13 4.30
C GLU A 171 -37.37 -25.45 3.89
C GLU A 171 -37.46 -25.35 3.54
N ALA A 172 -36.43 -26.05 3.13
CA ALA A 172 -36.66 -27.30 2.46
C ALA A 172 -35.37 -28.13 2.59
N PHE A 173 -35.43 -29.39 2.24
CA PHE A 173 -34.25 -30.28 2.31
C PHE A 173 -33.86 -30.70 0.92
N VAL A 174 -32.54 -30.60 0.67
CA VAL A 174 -31.89 -31.02 -0.61
C VAL A 174 -30.99 -32.22 -0.37
N PRO A 175 -31.28 -33.34 -1.04
CA PRO A 175 -30.39 -34.50 -0.92
C PRO A 175 -28.97 -34.19 -1.36
N GLY A 176 -28.00 -34.75 -0.70
CA GLY A 176 -26.63 -34.47 -1.09
C GLY A 176 -26.36 -34.74 -2.55
N PHE A 177 -25.55 -33.91 -3.16
CA PHE A 177 -24.98 -34.11 -4.47
C PHE A 177 -23.59 -33.50 -4.50
N ASN A 178 -22.86 -33.75 -5.61
CA ASN A 178 -21.50 -33.28 -5.68
C ASN A 178 -21.44 -31.80 -5.99
N ILE A 179 -21.15 -31.00 -5.00
CA ILE A 179 -21.11 -29.55 -5.14
C ILE A 179 -20.05 -29.14 -6.16
N GLU A 180 -19.00 -29.95 -6.40
CA GLU A 180 -18.01 -29.58 -7.38
C GLU A 180 -18.64 -29.45 -8.78
N GLU A 181 -19.79 -30.10 -9.00
CA GLU A 181 -20.50 -29.93 -10.25
C GLU A 181 -20.95 -28.52 -10.50
N LEU A 182 -21.00 -27.67 -9.49
CA LEU A 182 -21.39 -26.30 -9.65
C LEU A 182 -20.26 -25.41 -10.09
N LEU A 183 -19.02 -25.93 -10.05
CA LEU A 183 -17.84 -25.18 -10.39
C LEU A 183 -17.64 -25.19 -11.88
N PRO A 184 -16.99 -24.18 -12.45
CA PRO A 184 -16.74 -24.10 -13.89
C PRO A 184 -15.60 -24.95 -14.35
N GLU A 185 -15.37 -24.87 -15.68
CA GLU A 185 -14.17 -25.46 -16.26
C GLU A 185 -12.93 -24.77 -15.78
N ARG A 186 -11.84 -25.58 -15.65
CA ARG A 186 -10.48 -25.03 -15.40
C ARG A 186 -10.54 -24.20 -14.11
N THR A 187 -10.92 -24.89 -13.04
CA THR A 187 -10.87 -24.24 -11.78
C THR A 187 -9.49 -23.81 -11.36
N ALA A 188 -8.44 -24.32 -11.99
CA ALA A 188 -7.09 -23.79 -11.77
C ALA A 188 -6.93 -22.32 -12.05
N GLU A 189 -7.84 -21.81 -12.91
CA GLU A 189 -7.75 -20.40 -13.36
C GLU A 189 -8.70 -19.54 -12.48
N TYR A 190 -8.14 -18.60 -11.70
CA TYR A 190 -8.96 -17.81 -10.83
C TYR A 190 -8.28 -16.50 -10.53
N TYR A 191 -9.10 -15.56 -10.04
CA TYR A 191 -8.72 -14.31 -9.47
C TYR A 191 -8.71 -14.44 -7.94
N ARG A 192 -7.75 -13.78 -7.28
CA ARG A 192 -7.62 -13.85 -5.82
C ARG A 192 -7.37 -12.50 -5.27
N TYR A 193 -8.09 -12.15 -4.23
CA TYR A 193 -7.85 -10.86 -3.51
C TYR A 193 -8.47 -10.94 -2.14
N ARG A 194 -7.95 -10.08 -1.26
CA ARG A 194 -8.50 -9.94 0.09
C ARG A 194 -9.60 -8.89 0.06
N GLY A 195 -10.77 -9.28 0.54
CA GLY A 195 -11.91 -8.35 0.65
C GLY A 195 -12.82 -8.67 1.75
N SER A 196 -14.11 -8.48 1.51
CA SER A 196 -15.06 -8.45 2.60
C SER A 196 -16.29 -9.28 2.27
N LEU A 197 -17.14 -9.50 3.28
CA LEU A 197 -18.46 -9.88 2.97
C LEU A 197 -19.10 -8.84 2.09
N THR A 198 -19.94 -9.24 1.12
CA THR A 198 -20.65 -8.30 0.29
C THR A 198 -22.02 -7.92 0.83
N THR A 199 -22.34 -8.47 2.00
CA THR A 199 -23.57 -8.19 2.71
C THR A 199 -23.19 -7.69 4.10
N PRO A 200 -24.09 -6.97 4.76
CA PRO A 200 -23.86 -6.65 6.17
C PRO A 200 -23.54 -7.94 6.93
N PRO A 201 -22.58 -7.94 7.86
CA PRO A 201 -21.88 -6.76 8.37
C PRO A 201 -20.68 -6.30 7.58
N CYS A 202 -20.43 -6.85 6.41
CA CYS A 202 -19.36 -6.36 5.51
C CYS A 202 -17.97 -6.51 6.08
N ASN A 203 -17.77 -7.50 6.98
CA ASN A 203 -16.48 -7.60 7.61
C ASN A 203 -15.39 -7.83 6.61
N PRO A 204 -14.22 -7.19 6.80
CA PRO A 204 -13.12 -7.31 5.83
C PRO A 204 -12.26 -8.55 6.06
N THR A 205 -12.92 -9.70 6.07
CA THR A 205 -12.31 -10.93 6.58
C THR A 205 -12.36 -12.08 5.54
N VAL A 206 -12.64 -11.73 4.26
CA VAL A 206 -12.81 -12.76 3.22
C VAL A 206 -11.62 -12.79 2.29
N LEU A 207 -11.05 -13.99 2.14
CA LEU A 207 -10.16 -14.31 1.03
C LEU A 207 -11.04 -14.75 -0.14
N TRP A 208 -11.07 -13.92 -1.18
CA TRP A 208 -11.90 -14.22 -2.38
C TRP A 208 -11.15 -15.01 -3.40
N THR A 209 -11.83 -15.98 -3.97
CA THR A 209 -11.37 -16.71 -5.15
C THR A 209 -12.51 -16.64 -6.14
N VAL A 210 -12.33 -15.92 -7.24
CA VAL A 210 -13.34 -15.83 -8.28
C VAL A 210 -12.85 -16.62 -9.47
N PHE A 211 -13.53 -17.67 -9.83
CA PHE A 211 -13.05 -18.47 -10.95
C PHE A 211 -13.09 -17.68 -12.20
N ARG A 212 -12.10 -17.87 -13.08
CA ARG A 212 -12.04 -17.13 -14.33
C ARG A 212 -13.21 -17.43 -15.27
N ASN A 213 -13.56 -18.71 -15.37
CA ASN A 213 -14.52 -19.11 -16.40
C ASN A 213 -15.90 -19.22 -15.78
N PRO A 214 -16.93 -18.73 -16.50
CA PRO A 214 -18.27 -18.82 -15.99
C PRO A 214 -18.89 -20.23 -16.20
N VAL A 215 -19.98 -20.52 -15.55
CA VAL A 215 -20.85 -21.61 -15.89
C VAL A 215 -22.06 -21.08 -16.66
N GLN A 216 -22.86 -22.03 -17.14
N GLN A 216 -22.68 -21.91 -17.50
CA GLN A 216 -24.08 -21.72 -17.86
CA GLN A 216 -23.91 -21.53 -18.20
C GLN A 216 -25.22 -22.35 -17.23
C GLN A 216 -25.13 -22.27 -17.56
N ILE A 217 -26.28 -21.56 -17.32
CA ILE A 217 -27.59 -22.13 -17.01
C ILE A 217 -28.54 -21.69 -18.08
N SER A 218 -29.68 -22.38 -18.24
CA SER A 218 -30.59 -22.00 -19.34
C SER A 218 -31.32 -20.70 -19.05
N GLN A 219 -31.92 -20.19 -20.12
N GLN A 219 -31.93 -20.18 -20.11
CA GLN A 219 -32.76 -19.05 -19.98
CA GLN A 219 -32.86 -19.06 -20.01
C GLN A 219 -33.94 -19.31 -18.99
C GLN A 219 -33.95 -19.33 -18.98
N GLU A 220 -34.53 -20.51 -19.02
CA GLU A 220 -35.59 -20.83 -18.06
C GLU A 220 -35.07 -20.97 -16.67
N GLN A 221 -33.86 -21.54 -16.49
CA GLN A 221 -33.30 -21.62 -15.14
C GLN A 221 -33.05 -20.25 -14.58
N LEU A 222 -32.46 -19.34 -15.37
CA LEU A 222 -32.18 -18.01 -14.88
C LEU A 222 -33.43 -17.29 -14.53
N LEU A 223 -34.44 -17.43 -15.39
CA LEU A 223 -35.76 -16.80 -15.09
C LEU A 223 -36.37 -17.38 -13.82
N ALA A 224 -36.25 -18.68 -13.59
CA ALA A 224 -36.74 -19.28 -12.36
C ALA A 224 -36.08 -18.68 -11.17
N LEU A 225 -34.77 -18.55 -11.22
CA LEU A 225 -34.03 -17.98 -10.08
C LEU A 225 -34.51 -16.57 -9.80
N GLU A 226 -34.71 -15.79 -10.88
CA GLU A 226 -35.11 -14.42 -10.74
C GLU A 226 -36.53 -14.17 -10.31
N THR A 227 -37.41 -15.17 -10.47
CA THR A 227 -38.85 -14.96 -10.24
C THR A 227 -39.39 -15.88 -9.16
N ALA A 228 -38.62 -16.82 -8.64
CA ALA A 228 -39.20 -17.83 -7.72
C ALA A 228 -39.39 -17.30 -6.33
N LEU A 229 -38.59 -16.30 -5.86
CA LEU A 229 -38.50 -15.99 -4.44
C LEU A 229 -38.94 -14.61 -4.13
N TYR A 230 -39.39 -14.49 -2.89
CA TYR A 230 -39.75 -13.21 -2.29
C TYR A 230 -38.88 -12.94 -1.09
N CYS A 231 -38.59 -11.67 -0.82
N CYS A 231 -38.63 -11.69 -0.83
CA CYS A 231 -37.88 -11.26 0.40
CA CYS A 231 -37.83 -11.37 0.31
C CYS A 231 -38.72 -11.35 1.63
C CYS A 231 -38.70 -11.08 1.55
N THR A 232 -40.02 -11.23 1.40
CA THR A 232 -40.99 -11.04 2.47
C THR A 232 -41.58 -12.36 2.94
N HIS A 233 -42.05 -12.37 4.20
CA HIS A 233 -42.81 -13.49 4.75
C HIS A 233 -44.10 -13.70 3.96
N MET A 234 -44.57 -14.92 3.96
CA MET A 234 -45.74 -15.29 3.16
C MET A 234 -46.95 -14.40 3.43
N ASP A 235 -47.12 -14.05 4.69
N ASP A 235 -47.18 -14.05 4.68
CA ASP A 235 -48.32 -13.33 5.15
CA ASP A 235 -48.40 -13.32 5.00
C ASP A 235 -48.24 -11.81 5.05
C ASP A 235 -48.17 -11.83 5.16
N ASP A 236 -47.13 -11.32 4.52
CA ASP A 236 -46.87 -9.87 4.43
C ASP A 236 -47.88 -9.26 3.48
N PRO A 237 -48.68 -8.26 3.91
CA PRO A 237 -49.59 -7.70 2.92
C PRO A 237 -48.97 -6.84 1.79
N SER A 238 -47.65 -6.60 1.88
CA SER A 238 -46.91 -5.88 0.85
C SER A 238 -45.69 -6.72 0.35
N PRO A 239 -45.96 -7.74 -0.47
CA PRO A 239 -44.91 -8.65 -0.90
C PRO A 239 -43.83 -7.94 -1.70
N ARG A 240 -42.57 -8.40 -1.58
CA ARG A 240 -41.50 -7.84 -2.36
C ARG A 240 -40.75 -9.02 -3.00
N GLU A 241 -40.65 -9.03 -4.33
CA GLU A 241 -39.89 -10.03 -5.06
C GLU A 241 -38.39 -9.93 -4.70
N MET A 242 -37.73 -11.06 -4.61
CA MET A 242 -36.27 -11.08 -4.34
C MET A 242 -35.57 -11.04 -5.67
N ILE A 243 -35.16 -9.82 -6.00
CA ILE A 243 -34.46 -9.47 -7.24
C ILE A 243 -33.34 -8.49 -6.91
N ASN A 244 -32.38 -8.38 -7.80
CA ASN A 244 -31.34 -7.38 -7.71
C ASN A 244 -30.63 -7.42 -6.37
N ASN A 245 -30.34 -8.66 -5.91
CA ASN A 245 -29.77 -8.89 -4.60
C ASN A 245 -28.24 -8.96 -4.69
N PHE A 246 -27.65 -7.93 -5.25
CA PHE A 246 -26.18 -7.83 -5.43
C PHE A 246 -25.79 -6.45 -4.95
N ARG A 247 -24.56 -6.35 -4.45
CA ARG A 247 -24.00 -5.04 -4.05
C ARG A 247 -23.32 -4.44 -5.27
N GLN A 248 -23.38 -3.09 -5.42
CA GLN A 248 -22.59 -2.38 -6.40
C GLN A 248 -21.10 -2.62 -6.14
N VAL A 249 -20.28 -2.53 -7.19
CA VAL A 249 -18.84 -2.64 -7.03
C VAL A 249 -18.31 -1.46 -6.23
N GLN A 250 -17.26 -1.77 -5.48
CA GLN A 250 -16.59 -0.82 -4.59
C GLN A 250 -15.35 -0.24 -5.22
N LYS A 251 -14.95 0.96 -4.78
CA LYS A 251 -13.68 1.48 -5.21
C LYS A 251 -12.56 0.53 -4.79
N PHE A 252 -11.51 0.39 -5.57
CA PHE A 252 -10.42 -0.54 -5.29
C PHE A 252 -9.19 0.15 -5.95
N ASP A 253 -8.37 0.79 -5.14
CA ASP A 253 -7.34 1.71 -5.69
C ASP A 253 -6.05 1.35 -5.00
N GLU A 254 -4.99 1.37 -5.81
N GLU A 254 -4.98 1.41 -5.80
CA GLU A 254 -3.62 1.09 -5.32
CA GLU A 254 -3.63 1.10 -5.32
C GLU A 254 -3.52 -0.33 -4.79
C GLU A 254 -3.56 -0.32 -4.74
N ARG A 255 -4.28 -1.23 -5.42
CA ARG A 255 -4.31 -2.61 -5.04
C ARG A 255 -4.32 -3.48 -6.29
N LEU A 256 -3.99 -4.75 -6.10
CA LEU A 256 -3.94 -5.69 -7.19
C LEU A 256 -4.92 -6.82 -6.94
N VAL A 257 -5.39 -7.40 -8.02
CA VAL A 257 -5.94 -8.73 -7.96
C VAL A 257 -4.99 -9.69 -8.60
N TYR A 258 -4.72 -10.75 -7.89
CA TYR A 258 -3.73 -11.66 -8.39
C TYR A 258 -4.44 -12.74 -9.17
N THR A 259 -3.81 -13.18 -10.24
CA THR A 259 -4.39 -14.23 -11.08
C THR A 259 -3.49 -15.45 -11.10
N SER A 260 -4.15 -16.59 -11.19
CA SER A 260 -3.42 -17.83 -11.32
C SER A 260 -3.10 -18.18 -12.76
N PHE A 261 -3.51 -17.33 -13.67
CA PHE A 261 -3.33 -17.54 -15.09
C PHE A 261 -2.63 -16.34 -15.63
N SER A 262 -1.77 -16.58 -16.58
CA SER A 262 -1.24 -15.43 -17.29
C SER A 262 -1.89 -15.39 -18.67
N GLN A 263 -1.95 -16.56 -19.32
CA GLN A 263 -2.65 -16.72 -20.56
C GLN A 263 -4.12 -16.43 -20.27
N LYS B 3 -17.15 17.63 5.99
CA LYS B 3 -15.91 16.82 5.92
C LYS B 3 -16.14 15.43 5.20
N TRP B 4 -17.22 15.28 4.44
CA TRP B 4 -17.34 14.12 3.58
C TRP B 4 -16.17 14.11 2.61
N THR B 5 -15.84 12.93 2.14
CA THR B 5 -14.74 12.77 1.23
C THR B 5 -15.12 11.71 0.19
N TYR B 6 -14.17 11.38 -0.65
CA TYR B 6 -14.32 10.28 -1.62
C TYR B 6 -13.50 9.05 -1.19
N PHE B 7 -12.83 9.09 -0.06
CA PHE B 7 -11.85 8.03 0.27
C PHE B 7 -11.73 7.91 1.74
N GLY B 8 -11.90 6.69 2.22
CA GLY B 8 -11.60 6.44 3.63
C GLY B 8 -12.89 6.48 4.43
N PRO B 9 -12.75 6.68 5.74
N PRO B 9 -12.80 6.70 5.76
CA PRO B 9 -13.82 6.59 6.69
CA PRO B 9 -14.00 6.45 6.55
C PRO B 9 -15.04 7.43 6.35
C PRO B 9 -15.12 7.49 6.41
N ASP B 10 -14.82 8.62 5.78
CA ASP B 10 -15.90 9.54 5.46
C ASP B 10 -16.30 9.48 3.96
N GLY B 11 -15.87 8.45 3.28
CA GLY B 11 -16.26 8.28 1.87
C GLY B 11 -17.67 7.87 1.60
N GLU B 12 -17.94 7.53 0.32
CA GLU B 12 -19.34 7.55 -0.15
C GLU B 12 -20.23 6.55 0.49
N ASN B 13 -19.74 5.43 1.04
CA ASN B 13 -20.66 4.49 1.69
C ASN B 13 -21.13 5.07 3.04
N SER B 14 -20.52 6.12 3.52
CA SER B 14 -20.83 6.74 4.80
C SER B 14 -21.62 8.04 4.61
N TRP B 15 -21.75 8.59 3.40
CA TRP B 15 -22.44 9.85 3.22
C TRP B 15 -23.81 9.86 3.82
N SER B 16 -24.52 8.75 3.71
CA SER B 16 -25.88 8.74 4.15
C SER B 16 -26.03 8.88 5.66
N LYS B 17 -24.97 8.69 6.43
CA LYS B 17 -25.02 8.92 7.89
C LYS B 17 -25.36 10.34 8.23
N LYS B 18 -24.85 11.28 7.47
CA LYS B 18 -25.08 12.73 7.69
C LYS B 18 -26.07 13.31 6.70
N TYR B 19 -26.21 12.68 5.55
CA TYR B 19 -26.93 13.25 4.41
C TYR B 19 -27.95 12.24 3.96
N PRO B 20 -29.13 12.18 4.56
CA PRO B 20 -30.02 11.09 4.31
C PRO B 20 -30.40 10.90 2.86
N SER B 21 -30.45 11.96 2.06
CA SER B 21 -30.83 11.73 0.68
C SER B 21 -29.83 10.87 -0.06
N CYS B 22 -28.57 10.80 0.39
CA CYS B 22 -27.57 9.96 -0.28
C CYS B 22 -27.95 8.50 -0.22
N GLY B 23 -28.85 8.09 0.70
CA GLY B 23 -29.37 6.75 0.81
C GLY B 23 -30.80 6.63 0.30
N GLY B 24 -31.29 7.67 -0.36
CA GLY B 24 -32.66 7.71 -0.82
C GLY B 24 -32.81 7.33 -2.25
N LEU B 25 -33.94 7.76 -2.79
CA LEU B 25 -34.26 7.45 -4.19
C LEU B 25 -33.55 8.33 -5.19
N LEU B 26 -33.55 7.90 -6.45
CA LEU B 26 -33.23 8.69 -7.66
C LEU B 26 -31.75 9.09 -7.62
N GLN B 27 -30.89 8.23 -7.06
CA GLN B 27 -29.47 8.61 -6.98
C GLN B 27 -28.73 8.49 -8.32
N SER B 28 -27.81 9.42 -8.49
CA SER B 28 -26.86 9.49 -9.57
C SER B 28 -25.43 9.30 -9.04
N PRO B 29 -24.48 8.93 -9.90
CA PRO B 29 -24.59 8.63 -11.33
C PRO B 29 -25.02 7.18 -11.51
N ILE B 30 -25.16 6.80 -12.80
CA ILE B 30 -25.62 5.48 -13.21
C ILE B 30 -24.80 4.98 -14.36
N ASP B 31 -24.89 3.67 -14.58
CA ASP B 31 -24.32 3.06 -15.76
C ASP B 31 -25.36 3.09 -16.85
N LEU B 32 -25.00 3.68 -17.97
CA LEU B 32 -25.92 3.80 -19.14
C LEU B 32 -25.68 2.56 -19.98
N HIS B 33 -26.65 1.65 -20.01
CA HIS B 33 -26.50 0.35 -20.71
C HIS B 33 -27.84 0.00 -21.30
N SER B 34 -27.82 -0.85 -22.31
CA SER B 34 -28.98 -1.06 -23.21
C SER B 34 -30.18 -1.46 -22.47
N ASP B 35 -30.14 -2.27 -21.42
CA ASP B 35 -31.37 -2.78 -20.78
C ASP B 35 -32.22 -1.70 -20.18
N ILE B 36 -31.65 -0.54 -19.90
CA ILE B 36 -32.40 0.54 -19.26
C ILE B 36 -32.66 1.72 -20.16
N LEU B 37 -32.28 1.63 -21.45
CA LEU B 37 -32.44 2.74 -22.40
C LEU B 37 -33.75 2.61 -23.17
N GLN B 38 -34.35 3.79 -23.47
CA GLN B 38 -35.45 3.77 -24.44
C GLN B 38 -35.43 5.05 -25.21
N TYR B 39 -35.57 4.90 -26.51
CA TYR B 39 -35.66 6.04 -27.36
C TYR B 39 -36.91 6.84 -27.06
N ASP B 40 -36.78 8.16 -27.03
CA ASP B 40 -37.93 9.05 -26.85
C ASP B 40 -37.84 10.13 -27.88
N ALA B 41 -38.73 10.10 -28.89
CA ALA B 41 -38.67 11.10 -29.96
C ALA B 41 -38.97 12.51 -29.50
N SER B 42 -39.62 12.70 -28.32
N SER B 42 -39.57 12.67 -28.30
CA SER B 42 -39.88 14.03 -27.81
CA SER B 42 -39.88 13.97 -27.80
C SER B 42 -38.60 14.78 -27.40
C SER B 42 -38.68 14.68 -27.16
N LEU B 43 -37.51 14.04 -27.19
CA LEU B 43 -36.26 14.64 -26.68
C LEU B 43 -35.60 15.41 -27.82
N THR B 44 -36.05 16.64 -28.01
CA THR B 44 -35.60 17.48 -29.14
C THR B 44 -34.32 18.20 -28.72
N PRO B 45 -33.63 18.88 -29.65
CA PRO B 45 -32.30 19.45 -29.32
C PRO B 45 -32.39 20.60 -28.31
N LEU B 46 -31.44 20.66 -27.42
CA LEU B 46 -31.28 21.85 -26.57
C LEU B 46 -30.57 22.95 -27.32
N GLU B 47 -30.87 24.19 -26.93
CA GLU B 47 -30.16 25.35 -27.46
C GLU B 47 -29.44 26.03 -26.30
N PHE B 48 -28.18 26.36 -26.55
CA PHE B 48 -27.24 26.90 -25.55
C PHE B 48 -27.11 28.39 -25.80
N GLN B 49 -27.68 29.19 -24.91
CA GLN B 49 -27.79 30.62 -25.16
C GLN B 49 -26.92 31.37 -24.16
N GLY B 50 -26.18 32.35 -24.61
CA GLY B 50 -25.33 33.12 -23.72
C GLY B 50 -24.14 32.32 -23.19
N TYR B 51 -23.77 31.24 -23.89
CA TYR B 51 -22.60 30.44 -23.55
C TYR B 51 -21.29 31.13 -23.99
N ASN B 52 -21.38 32.07 -24.97
CA ASN B 52 -20.19 32.71 -25.46
C ASN B 52 -19.87 33.90 -24.55
N LEU B 53 -19.16 33.59 -23.46
CA LEU B 53 -18.95 34.61 -22.41
C LEU B 53 -17.89 35.59 -22.90
N SER B 54 -18.07 36.87 -22.60
CA SER B 54 -17.17 37.88 -23.08
C SER B 54 -15.71 37.65 -22.56
N ALA B 55 -14.71 37.67 -23.48
CA ALA B 55 -13.30 37.50 -23.08
C ALA B 55 -12.83 38.71 -22.33
N ASN B 56 -13.58 39.81 -22.36
CA ASN B 56 -13.21 41.00 -21.59
C ASN B 56 -13.75 40.97 -20.20
N LYS B 57 -14.57 39.97 -19.87
CA LYS B 57 -15.05 39.77 -18.50
C LYS B 57 -14.29 38.60 -17.88
N GLN B 58 -14.45 38.48 -16.58
CA GLN B 58 -13.77 37.38 -15.89
C GLN B 58 -14.76 36.69 -14.98
N PHE B 59 -14.50 35.42 -14.72
CA PHE B 59 -15.45 34.55 -14.00
C PHE B 59 -14.68 33.83 -12.92
N LEU B 60 -15.30 33.70 -11.76
CA LEU B 60 -14.60 33.23 -10.61
C LEU B 60 -14.46 31.73 -10.55
N LEU B 61 -13.24 31.26 -10.43
CA LEU B 61 -12.87 29.90 -10.28
C LEU B 61 -12.60 29.66 -8.76
N THR B 62 -13.16 28.61 -8.15
CA THR B 62 -12.99 28.41 -6.71
C THR B 62 -12.76 26.95 -6.43
N ASN B 63 -11.82 26.62 -5.55
CA ASN B 63 -11.56 25.27 -5.14
C ASN B 63 -12.44 25.11 -3.97
N ASN B 64 -13.42 24.24 -4.04
CA ASN B 64 -14.36 24.18 -2.88
C ASN B 64 -14.11 22.94 -2.01
N GLY B 65 -12.92 22.37 -2.04
CA GLY B 65 -12.64 21.21 -1.21
C GLY B 65 -12.99 19.87 -1.82
N HIS B 66 -13.84 19.84 -2.89
CA HIS B 66 -14.35 18.61 -3.52
C HIS B 66 -14.16 18.50 -4.97
N SER B 67 -14.07 19.65 -5.65
N SER B 67 -14.11 19.66 -5.66
CA SER B 67 -13.85 19.82 -7.11
CA SER B 67 -13.94 19.76 -7.14
C SER B 67 -13.25 21.23 -7.31
C SER B 67 -13.35 21.19 -7.32
N VAL B 68 -13.13 21.60 -8.58
N VAL B 68 -13.06 21.45 -8.58
CA VAL B 68 -12.89 22.99 -8.90
CA VAL B 68 -12.84 22.81 -9.00
C VAL B 68 -14.14 23.52 -9.52
C VAL B 68 -14.11 23.42 -9.58
N LYS B 69 -14.72 24.68 -9.14
CA LYS B 69 -15.88 25.16 -9.93
C LYS B 69 -15.63 26.51 -10.49
N LEU B 70 -16.22 26.73 -11.67
CA LEU B 70 -16.19 28.02 -12.34
C LEU B 70 -17.60 28.58 -12.21
N ASN B 71 -17.74 29.77 -11.65
CA ASN B 71 -19.07 30.42 -11.58
C ASN B 71 -19.46 30.91 -12.99
N LEU B 72 -20.73 30.80 -13.25
CA LEU B 72 -21.29 31.16 -14.58
C LEU B 72 -22.40 32.19 -14.37
N PRO B 73 -22.61 33.06 -15.36
CA PRO B 73 -23.58 34.14 -15.21
C PRO B 73 -24.97 33.64 -15.53
N SER B 74 -25.93 34.22 -14.88
CA SER B 74 -27.33 33.73 -15.03
C SER B 74 -27.93 34.10 -16.40
N ASP B 75 -27.30 34.97 -17.19
CA ASP B 75 -27.84 35.23 -18.52
C ASP B 75 -27.51 33.98 -19.43
N MET B 76 -26.56 33.14 -19.03
CA MET B 76 -26.29 31.92 -19.76
C MET B 76 -27.38 30.90 -19.43
N HIS B 77 -28.00 30.29 -20.46
CA HIS B 77 -29.13 29.39 -20.18
C HIS B 77 -29.33 28.37 -21.24
N ILE B 78 -30.11 27.37 -20.86
CA ILE B 78 -30.58 26.37 -21.83
C ILE B 78 -31.98 26.73 -22.21
N GLN B 79 -32.22 26.56 -23.52
CA GLN B 79 -33.58 26.70 -24.08
C GLN B 79 -33.92 25.32 -24.57
N GLY B 80 -35.17 24.87 -24.31
CA GLY B 80 -35.66 23.59 -24.83
C GLY B 80 -36.27 22.76 -23.77
N LEU B 81 -36.02 23.01 -22.48
CA LEU B 81 -36.63 22.27 -21.38
C LEU B 81 -37.98 22.90 -21.03
N GLN B 82 -38.67 22.40 -20.00
CA GLN B 82 -39.99 22.91 -19.75
C GLN B 82 -40.08 24.26 -18.99
N SER B 83 -38.92 24.69 -18.45
CA SER B 83 -38.68 26.04 -17.94
C SER B 83 -37.32 26.46 -18.49
N ARG B 84 -37.04 27.76 -18.41
N ARG B 84 -37.04 27.75 -18.40
CA ARG B 84 -35.69 28.22 -18.57
CA ARG B 84 -35.68 28.19 -18.60
C ARG B 84 -34.81 27.76 -17.40
C ARG B 84 -34.82 27.73 -17.43
N TYR B 85 -33.65 27.18 -17.76
CA TYR B 85 -32.66 26.80 -16.75
C TYR B 85 -31.46 27.65 -17.00
N SER B 86 -31.07 28.46 -16.01
CA SER B 86 -29.94 29.35 -16.15
C SER B 86 -28.71 28.72 -15.49
N ALA B 87 -27.55 29.01 -16.06
CA ALA B 87 -26.34 28.42 -15.50
C ALA B 87 -25.97 29.00 -14.17
N THR B 88 -25.30 28.22 -13.36
CA THR B 88 -24.73 28.69 -12.11
C THR B 88 -23.27 28.38 -11.99
N GLN B 89 -22.81 27.18 -12.41
CA GLN B 89 -21.39 26.84 -12.27
C GLN B 89 -21.14 25.62 -13.13
N LEU B 90 -19.84 25.40 -13.39
CA LEU B 90 -19.42 24.12 -13.95
C LEU B 90 -18.25 23.61 -13.09
N HIS B 91 -18.04 22.30 -13.15
CA HIS B 91 -16.98 21.65 -12.40
C HIS B 91 -16.72 20.31 -13.03
N LEU B 92 -15.69 19.61 -12.52
CA LEU B 92 -15.27 18.34 -13.11
C LEU B 92 -15.13 17.27 -12.04
N HIS B 93 -15.04 16.03 -12.50
CA HIS B 93 -14.73 14.84 -11.72
C HIS B 93 -13.69 14.07 -12.45
N TRP B 94 -12.72 13.47 -11.73
CA TRP B 94 -11.58 12.82 -12.36
C TRP B 94 -11.01 11.79 -11.44
N GLY B 95 -10.02 11.04 -12.00
CA GLY B 95 -9.37 9.92 -11.31
C GLY B 95 -8.07 10.34 -10.69
N ASN B 96 -6.95 9.69 -11.13
CA ASN B 96 -5.66 10.00 -10.53
C ASN B 96 -4.60 9.69 -11.56
N PRO B 97 -3.32 10.11 -11.36
CA PRO B 97 -2.29 9.98 -12.38
C PRO B 97 -2.04 8.58 -12.79
N ASN B 98 -2.20 7.64 -11.86
CA ASN B 98 -1.89 6.24 -12.16
C ASN B 98 -3.15 5.54 -12.64
N ASP B 99 -4.34 6.17 -12.62
CA ASP B 99 -5.55 5.56 -13.06
C ASP B 99 -6.50 6.63 -13.56
N PRO B 100 -6.30 7.10 -14.80
CA PRO B 100 -7.07 8.26 -15.32
C PRO B 100 -8.43 7.80 -15.85
N HIS B 101 -9.27 7.32 -14.93
CA HIS B 101 -10.61 6.74 -15.22
C HIS B 101 -11.65 7.18 -14.21
N GLY B 102 -11.98 8.43 -14.17
CA GLY B 102 -12.73 9.04 -13.10
C GLY B 102 -14.03 9.68 -13.54
N SER B 103 -14.65 9.29 -14.66
CA SER B 103 -16.00 9.79 -14.90
C SER B 103 -16.93 9.26 -13.83
N GLU B 104 -18.09 9.94 -13.70
CA GLU B 104 -19.14 9.50 -12.80
C GLU B 104 -20.07 8.55 -13.51
N HIS B 105 -20.69 9.01 -14.61
CA HIS B 105 -21.45 8.10 -15.43
C HIS B 105 -20.52 7.15 -16.16
N THR B 106 -21.02 5.94 -16.40
CA THR B 106 -20.32 4.96 -17.19
C THR B 106 -21.23 4.60 -18.37
N VAL B 107 -20.63 4.06 -19.42
CA VAL B 107 -21.48 3.64 -20.56
C VAL B 107 -21.10 2.17 -20.83
N SER B 108 -22.09 1.31 -20.73
CA SER B 108 -21.87 -0.13 -20.91
C SER B 108 -20.69 -0.61 -20.03
N GLY B 109 -20.67 -0.14 -18.79
CA GLY B 109 -19.71 -0.58 -17.80
C GLY B 109 -18.34 0.06 -17.88
N GLN B 110 -18.12 0.99 -18.81
CA GLN B 110 -16.82 1.60 -18.92
C GLN B 110 -16.82 3.03 -18.42
N HIS B 111 -15.80 3.34 -17.60
CA HIS B 111 -15.50 4.70 -17.23
C HIS B 111 -14.81 5.46 -18.31
N PHE B 112 -15.05 6.72 -18.40
CA PHE B 112 -14.26 7.64 -19.16
C PHE B 112 -13.22 8.26 -18.25
N ALA B 113 -12.29 9.01 -18.82
CA ALA B 113 -11.21 9.62 -18.01
C ALA B 113 -11.73 10.61 -17.00
N ALA B 114 -12.73 11.42 -17.38
CA ALA B 114 -13.20 12.48 -16.50
C ALA B 114 -14.62 12.84 -16.95
N GLU B 115 -15.21 13.79 -16.27
CA GLU B 115 -16.57 14.22 -16.60
C GLU B 115 -16.75 15.68 -16.21
N LEU B 116 -17.34 16.46 -17.11
CA LEU B 116 -17.69 17.86 -16.88
C LEU B 116 -19.17 17.96 -16.57
N HIS B 117 -19.51 18.72 -15.53
CA HIS B 117 -20.89 19.03 -15.22
C HIS B 117 -21.13 20.51 -15.33
N ILE B 118 -22.12 20.90 -16.12
CA ILE B 118 -22.53 22.31 -16.23
C ILE B 118 -23.87 22.41 -15.55
N VAL B 119 -23.91 23.06 -14.42
CA VAL B 119 -25.04 23.07 -13.53
C VAL B 119 -25.93 24.28 -13.82
N HIS B 120 -27.23 24.02 -14.00
CA HIS B 120 -28.23 25.05 -14.24
C HIS B 120 -29.34 24.89 -13.23
N TYR B 121 -30.11 25.96 -13.05
CA TYR B 121 -31.23 25.91 -12.14
C TYR B 121 -32.42 26.58 -12.79
N ASN B 122 -33.62 26.18 -12.31
CA ASN B 122 -34.86 26.70 -12.88
C ASN B 122 -35.05 28.16 -12.37
N SER B 123 -34.61 29.11 -13.22
CA SER B 123 -34.64 30.53 -12.86
C SER B 123 -36.03 31.08 -13.11
N ASP B 124 -36.92 30.40 -13.82
CA ASP B 124 -38.30 30.82 -13.85
C ASP B 124 -38.97 30.73 -12.51
N LEU B 125 -38.62 29.69 -11.74
CA LEU B 125 -39.30 29.39 -10.50
C LEU B 125 -38.53 29.87 -9.28
N TYR B 126 -37.18 29.88 -9.29
CA TYR B 126 -36.40 30.13 -8.11
C TYR B 126 -35.40 31.20 -8.29
N PRO B 127 -35.02 31.86 -7.19
CA PRO B 127 -34.14 33.01 -7.36
C PRO B 127 -32.67 32.67 -7.41
N ASP B 128 -32.33 31.42 -7.11
CA ASP B 128 -30.95 31.04 -7.06
C ASP B 128 -30.91 29.47 -7.07
N ALA B 129 -29.72 28.93 -7.39
CA ALA B 129 -29.55 27.49 -7.46
C ALA B 129 -29.70 26.77 -6.11
N SER B 130 -29.30 27.41 -5.02
N SER B 130 -29.30 27.40 -5.01
CA SER B 130 -29.40 26.73 -3.70
CA SER B 130 -29.43 26.71 -3.69
C SER B 130 -30.86 26.48 -3.32
C SER B 130 -30.90 26.42 -3.43
N THR B 131 -31.72 27.45 -3.61
CA THR B 131 -33.19 27.23 -3.49
C THR B 131 -33.71 26.16 -4.38
N ALA B 132 -33.32 26.22 -5.65
CA ALA B 132 -33.82 25.30 -6.65
C ALA B 132 -33.44 23.87 -6.26
N SER B 133 -32.27 23.76 -5.61
CA SER B 133 -31.63 22.43 -5.40
C SER B 133 -32.35 21.53 -4.50
N ASN B 134 -33.22 22.10 -3.70
N ASN B 134 -33.26 22.07 -3.73
CA ASN B 134 -34.10 21.23 -2.89
CA ASN B 134 -34.06 21.13 -2.96
C ASN B 134 -35.56 21.13 -3.36
C ASN B 134 -35.49 21.02 -3.43
N LYS B 135 -35.76 21.37 -4.68
N LYS B 135 -35.74 21.37 -4.71
CA LYS B 135 -37.11 21.28 -5.32
CA LYS B 135 -37.11 21.22 -5.30
C LYS B 135 -37.14 20.29 -6.47
C LYS B 135 -37.14 20.28 -6.48
N SER B 136 -38.20 19.49 -6.67
CA SER B 136 -38.12 18.47 -7.74
C SER B 136 -37.83 19.12 -9.15
N GLU B 137 -36.94 18.56 -9.94
CA GLU B 137 -36.58 19.13 -11.28
C GLU B 137 -36.08 20.59 -11.15
N GLY B 138 -35.65 21.02 -9.94
CA GLY B 138 -35.09 22.37 -9.75
C GLY B 138 -33.77 22.63 -10.47
N LEU B 139 -33.04 21.56 -10.73
CA LEU B 139 -31.75 21.69 -11.38
C LEU B 139 -31.72 20.91 -12.64
N ALA B 140 -30.89 21.37 -13.58
CA ALA B 140 -30.64 20.59 -14.82
C ALA B 140 -29.13 20.64 -14.99
N VAL B 141 -28.51 19.47 -15.10
CA VAL B 141 -27.07 19.36 -15.25
C VAL B 141 -26.79 18.78 -16.60
N LEU B 142 -25.84 19.38 -17.32
CA LEU B 142 -25.32 18.82 -18.53
C LEU B 142 -24.04 18.09 -18.18
N ALA B 143 -23.90 16.84 -18.65
CA ALA B 143 -22.70 16.06 -18.42
C ALA B 143 -22.01 15.79 -19.73
N VAL B 144 -20.71 16.05 -19.75
CA VAL B 144 -19.87 15.74 -20.88
C VAL B 144 -18.85 14.72 -20.41
N LEU B 145 -18.81 13.57 -21.10
CA LEU B 145 -17.87 12.52 -20.87
C LEU B 145 -16.57 12.93 -21.52
N ILE B 146 -15.42 12.72 -20.81
CA ILE B 146 -14.09 13.16 -21.30
C ILE B 146 -13.21 11.94 -21.43
N GLU B 147 -12.62 11.79 -22.61
CA GLU B 147 -11.69 10.69 -22.84
C GLU B 147 -10.30 11.25 -23.08
N MET B 148 -9.27 10.42 -22.82
CA MET B 148 -7.91 10.81 -23.15
C MET B 148 -7.72 10.80 -24.64
N GLY B 149 -7.22 11.90 -25.18
CA GLY B 149 -7.08 12.02 -26.65
C GLY B 149 -6.24 13.24 -26.95
N SER B 150 -6.69 14.04 -27.89
CA SER B 150 -5.99 15.22 -28.29
C SER B 150 -6.06 16.33 -27.26
N PHE B 151 -5.03 17.17 -27.26
CA PHE B 151 -5.05 18.40 -26.46
C PHE B 151 -6.25 19.21 -26.81
N ASN B 152 -6.88 19.79 -25.79
CA ASN B 152 -8.08 20.53 -25.99
C ASN B 152 -7.89 21.99 -25.55
N PRO B 153 -7.70 22.92 -26.44
CA PRO B 153 -7.42 24.31 -26.06
C PRO B 153 -8.54 24.88 -25.21
N SER B 154 -9.76 24.49 -25.48
CA SER B 154 -10.88 25.10 -24.77
C SER B 154 -10.90 24.68 -23.30
N TYR B 155 -10.73 23.40 -22.99
CA TYR B 155 -10.63 22.97 -21.61
C TYR B 155 -9.40 23.60 -20.99
N ASP B 156 -8.35 23.84 -21.75
CA ASP B 156 -7.19 24.42 -21.17
C ASP B 156 -7.42 25.86 -20.67
N LYS B 157 -8.46 26.54 -21.19
CA LYS B 157 -8.82 27.86 -20.64
C LYS B 157 -9.20 27.77 -19.17
N ILE B 158 -9.67 26.61 -18.73
CA ILE B 158 -9.89 26.34 -17.28
C ILE B 158 -8.60 25.81 -16.68
N PHE B 159 -8.03 24.77 -17.28
CA PHE B 159 -6.92 24.06 -16.63
C PHE B 159 -5.72 24.92 -16.39
N SER B 160 -5.51 25.87 -17.25
CA SER B 160 -4.35 26.76 -17.06
C SER B 160 -4.40 27.60 -15.81
N HIS B 161 -5.54 27.67 -15.13
CA HIS B 161 -5.66 28.41 -13.89
C HIS B 161 -5.64 27.61 -12.65
N LEU B 162 -5.55 26.32 -12.76
CA LEU B 162 -5.49 25.50 -11.57
C LEU B 162 -4.40 25.65 -10.54
N GLN B 163 -3.14 26.02 -10.88
CA GLN B 163 -2.07 26.11 -9.87
C GLN B 163 -2.44 27.28 -9.02
N HIS B 164 -3.56 27.92 -9.37
CA HIS B 164 -3.95 29.13 -8.69
C HIS B 164 -5.12 28.98 -7.76
N VAL B 165 -5.66 27.79 -7.79
CA VAL B 165 -6.75 27.44 -6.90
C VAL B 165 -6.42 26.07 -6.27
N LYS B 166 -5.13 25.78 -6.05
N LYS B 166 -5.14 26.02 -5.94
CA LYS B 166 -4.73 24.46 -5.49
CA LYS B 166 -4.59 24.83 -5.53
C LYS B 166 -5.40 24.09 -4.16
C LYS B 166 -5.21 24.26 -4.25
N TYR B 167 -5.65 25.11 -3.32
CA TYR B 167 -6.14 24.73 -2.03
C TYR B 167 -7.53 25.21 -1.77
N LYS B 168 -8.17 24.53 -0.80
CA LYS B 168 -9.52 24.85 -0.42
C LYS B 168 -9.63 26.29 -0.07
N GLY B 169 -10.65 26.97 -0.61
CA GLY B 169 -10.88 28.39 -0.32
C GLY B 169 -10.24 29.38 -1.28
N GLN B 170 -9.33 28.90 -2.08
CA GLN B 170 -8.65 29.82 -3.02
C GLN B 170 -9.60 30.10 -4.23
N GLU B 171 -9.41 31.28 -4.78
CA GLU B 171 -10.24 31.81 -5.87
C GLU B 171 -9.31 32.44 -6.93
N ALA B 172 -9.68 32.32 -8.20
CA ALA B 172 -8.94 32.90 -9.29
C ALA B 172 -9.99 33.44 -10.27
N PHE B 173 -9.55 34.21 -11.20
CA PHE B 173 -10.40 34.70 -12.28
C PHE B 173 -9.99 34.12 -13.57
N VAL B 174 -10.99 33.72 -14.33
CA VAL B 174 -10.77 33.11 -15.64
C VAL B 174 -11.45 34.04 -16.66
N PRO B 175 -10.73 34.52 -17.70
CA PRO B 175 -11.39 35.31 -18.72
C PRO B 175 -12.52 34.53 -19.36
N GLY B 176 -13.59 35.23 -19.77
CA GLY B 176 -14.67 34.58 -20.48
C GLY B 176 -14.19 33.89 -21.74
N PHE B 177 -14.84 32.77 -22.05
CA PHE B 177 -14.65 32.08 -23.32
C PHE B 177 -15.97 31.41 -23.66
N ASN B 178 -16.00 30.81 -24.85
CA ASN B 178 -17.23 30.22 -25.26
C ASN B 178 -17.41 28.82 -24.64
N ILE B 179 -18.25 28.71 -23.68
CA ILE B 179 -18.48 27.45 -22.98
C ILE B 179 -18.96 26.35 -23.89
N GLU B 180 -19.64 26.74 -24.99
CA GLU B 180 -20.07 25.70 -25.92
C GLU B 180 -18.91 24.91 -26.47
N GLU B 181 -17.70 25.49 -26.49
CA GLU B 181 -16.54 24.77 -26.92
C GLU B 181 -16.18 23.58 -26.05
N LEU B 182 -16.77 23.48 -24.86
CA LEU B 182 -16.54 22.35 -23.96
C LEU B 182 -17.48 21.18 -24.30
N LEU B 183 -18.51 21.42 -25.12
CA LEU B 183 -19.49 20.40 -25.45
C LEU B 183 -19.00 19.57 -26.62
N PRO B 184 -19.47 18.33 -26.70
CA PRO B 184 -19.07 17.49 -27.82
C PRO B 184 -19.84 17.71 -29.05
N GLU B 185 -19.47 16.85 -30.01
N GLU B 185 -19.48 16.87 -30.02
CA GLU B 185 -20.17 16.75 -31.30
CA GLU B 185 -20.16 16.80 -31.31
C GLU B 185 -21.61 16.24 -31.08
C GLU B 185 -21.60 16.25 -31.12
N ARG B 186 -22.51 16.76 -31.94
CA ARG B 186 -23.90 16.23 -32.03
C ARG B 186 -24.53 16.28 -30.68
N THR B 187 -24.53 17.49 -30.11
CA THR B 187 -25.24 17.63 -28.85
C THR B 187 -26.69 17.22 -28.90
N ALA B 188 -27.28 17.10 -30.13
CA ALA B 188 -28.63 16.58 -30.24
C ALA B 188 -28.78 15.20 -29.71
N GLU B 189 -27.66 14.42 -29.65
N GLU B 189 -27.71 14.38 -29.59
CA GLU B 189 -27.64 13.03 -29.16
CA GLU B 189 -27.85 12.99 -29.15
C GLU B 189 -27.33 13.04 -27.63
C GLU B 189 -27.37 12.95 -27.69
N TYR B 190 -28.29 12.59 -26.82
CA TYR B 190 -28.07 12.60 -25.38
C TYR B 190 -28.96 11.60 -24.72
N TYR B 191 -28.55 11.27 -23.48
CA TYR B 191 -29.31 10.52 -22.54
C TYR B 191 -29.96 11.45 -21.55
N ARG B 192 -31.21 11.17 -21.19
CA ARG B 192 -31.96 11.97 -20.25
C ARG B 192 -32.54 11.14 -19.15
N TYR B 193 -32.38 11.52 -17.87
CA TYR B 193 -33.04 10.81 -16.80
C TYR B 193 -33.16 11.70 -15.59
N ARG B 194 -34.07 11.35 -14.70
CA ARG B 194 -34.24 12.07 -13.43
C ARG B 194 -33.36 11.45 -12.40
N GLY B 195 -32.53 12.26 -11.76
CA GLY B 195 -31.57 11.76 -10.78
C GLY B 195 -31.29 12.81 -9.74
N SER B 196 -30.05 12.76 -9.26
CA SER B 196 -29.70 13.50 -8.06
C SER B 196 -28.40 14.23 -8.21
N LEU B 197 -28.11 15.09 -7.24
CA LEU B 197 -26.73 15.52 -7.07
C LEU B 197 -25.86 14.26 -6.80
N THR B 198 -24.65 14.26 -7.33
CA THR B 198 -23.77 13.12 -7.15
C THR B 198 -22.89 13.28 -5.91
N THR B 199 -23.05 14.35 -5.16
CA THR B 199 -22.29 14.51 -3.94
C THR B 199 -23.31 14.90 -2.87
N PRO B 200 -22.95 14.80 -1.60
CA PRO B 200 -23.82 15.35 -0.57
C PRO B 200 -24.18 16.77 -0.90
N PRO B 201 -25.50 17.15 -0.63
N PRO B 201 -25.44 17.20 -0.68
CA PRO B 201 -26.48 16.31 0.09
CA PRO B 201 -26.45 16.47 0.06
C PRO B 201 -27.37 15.42 -0.81
C PRO B 201 -27.21 15.38 -0.73
N CYS B 202 -26.92 15.20 -2.03
CA CYS B 202 -27.49 14.09 -2.86
C CYS B 202 -28.97 14.30 -3.18
N ASN B 203 -29.39 15.58 -3.20
CA ASN B 203 -30.82 15.84 -3.41
C ASN B 203 -31.29 15.23 -4.71
N PRO B 204 -32.49 14.58 -4.73
CA PRO B 204 -32.99 13.91 -5.96
C PRO B 204 -33.71 14.90 -6.85
N THR B 205 -33.05 15.97 -7.25
CA THR B 205 -33.72 17.15 -7.83
C THR B 205 -33.10 17.55 -9.16
N VAL B 206 -32.36 16.60 -9.79
CA VAL B 206 -31.68 16.92 -11.03
C VAL B 206 -32.27 16.25 -12.25
N LEU B 207 -32.54 17.05 -13.27
CA LEU B 207 -32.78 16.53 -14.60
C LEU B 207 -31.43 16.41 -15.31
N TRP B 208 -30.97 15.18 -15.50
CA TRP B 208 -29.67 14.92 -16.14
C TRP B 208 -29.79 14.85 -17.63
N THR B 209 -28.83 15.43 -18.31
CA THR B 209 -28.59 15.27 -19.73
C THR B 209 -27.12 14.87 -19.89
N VAL B 210 -26.89 13.66 -20.36
CA VAL B 210 -25.50 13.21 -20.58
C VAL B 210 -25.32 13.12 -22.09
N PHE B 211 -24.43 13.89 -22.64
CA PHE B 211 -24.28 13.82 -24.08
C PHE B 211 -23.73 12.47 -24.49
N ARG B 212 -24.17 11.98 -25.64
CA ARG B 212 -23.75 10.68 -26.13
C ARG B 212 -22.26 10.66 -26.42
N ASN B 213 -21.73 11.71 -27.03
CA ASN B 213 -20.39 11.66 -27.57
C ASN B 213 -19.44 12.31 -26.57
N PRO B 214 -18.28 11.72 -26.31
CA PRO B 214 -17.28 12.33 -25.45
C PRO B 214 -16.51 13.41 -26.16
N VAL B 215 -15.82 14.21 -25.38
CA VAL B 215 -14.74 15.09 -25.85
C VAL B 215 -13.41 14.47 -25.46
N GLN B 216 -12.33 15.02 -26.01
CA GLN B 216 -10.97 14.55 -25.67
C GLN B 216 -10.22 15.68 -25.00
N ILE B 217 -9.37 15.30 -24.02
CA ILE B 217 -8.33 16.17 -23.50
C ILE B 217 -7.07 15.30 -23.49
N SER B 218 -5.90 15.91 -23.42
CA SER B 218 -4.67 15.09 -23.51
C SER B 218 -4.28 14.46 -22.22
N GLN B 219 -3.40 13.48 -22.32
CA GLN B 219 -2.76 12.86 -21.14
C GLN B 219 -2.14 13.94 -20.28
N GLU B 220 -1.47 14.94 -20.88
CA GLU B 220 -0.82 16.00 -20.08
C GLU B 220 -1.84 16.85 -19.38
N GLN B 221 -2.98 17.11 -20.02
CA GLN B 221 -4.04 17.89 -19.35
C GLN B 221 -4.64 17.12 -18.21
N LEU B 222 -4.88 15.83 -18.43
CA LEU B 222 -5.36 14.99 -17.33
C LEU B 222 -4.39 14.96 -16.18
N LEU B 223 -3.10 14.78 -16.46
CA LEU B 223 -2.12 14.71 -15.38
C LEU B 223 -2.11 16.02 -14.62
N ALA B 224 -2.18 17.15 -15.35
CA ALA B 224 -2.22 18.48 -14.66
C ALA B 224 -3.41 18.55 -13.73
N LEU B 225 -4.57 18.20 -14.29
CA LEU B 225 -5.81 18.22 -13.46
C LEU B 225 -5.72 17.35 -12.22
N GLU B 226 -5.13 16.15 -12.40
CA GLU B 226 -5.06 15.16 -11.37
C GLU B 226 -3.91 15.45 -10.34
N THR B 227 -3.08 16.44 -10.62
CA THR B 227 -1.96 16.73 -9.66
C THR B 227 -2.05 18.17 -9.19
N ALA B 228 -2.98 18.97 -9.62
CA ALA B 228 -2.97 20.38 -9.35
C ALA B 228 -3.57 20.70 -7.97
N LEU B 229 -4.54 19.90 -7.51
CA LEU B 229 -5.49 20.34 -6.55
C LEU B 229 -5.51 19.53 -5.29
N TYR B 230 -5.86 20.22 -4.21
CA TYR B 230 -5.98 19.64 -2.89
C TYR B 230 -7.39 19.96 -2.31
N CYS B 231 -7.87 19.02 -1.55
CA CYS B 231 -9.13 19.19 -0.83
C CYS B 231 -9.00 20.09 0.39
N THR B 232 -7.78 20.25 0.85
CA THR B 232 -7.46 20.89 2.11
C THR B 232 -6.96 22.33 1.91
N HIS B 233 -7.03 23.07 3.02
CA HIS B 233 -6.44 24.41 3.03
C HIS B 233 -4.95 24.45 2.88
N MET B 234 -4.40 25.58 2.47
N MET B 234 -4.44 25.56 2.39
CA MET B 234 -2.94 25.72 2.19
CA MET B 234 -3.02 25.68 2.20
C MET B 234 -2.04 25.51 3.44
C MET B 234 -2.32 25.24 3.52
N ASP B 235 -2.58 25.77 4.62
N ASP B 235 -2.87 25.59 4.69
CA ASP B 235 -1.81 25.52 5.85
CA ASP B 235 -2.18 25.41 5.96
C ASP B 235 -2.19 24.15 6.52
C ASP B 235 -2.45 24.22 6.65
N ASP B 236 -3.02 23.28 5.95
CA ASP B 236 -3.49 22.11 6.66
C ASP B 236 -2.29 21.18 6.91
N PRO B 237 -2.05 20.71 8.11
CA PRO B 237 -0.92 19.78 8.33
C PRO B 237 -1.19 18.34 7.85
N SER B 238 -2.37 18.06 7.34
N SER B 238 -2.40 18.01 7.44
CA SER B 238 -2.72 16.72 6.89
CA SER B 238 -2.71 16.71 6.81
C SER B 238 -3.32 16.81 5.47
C SER B 238 -3.35 17.00 5.46
N PRO B 239 -2.49 17.30 4.48
CA PRO B 239 -3.02 17.59 3.15
C PRO B 239 -3.66 16.37 2.52
N ARG B 240 -4.69 16.59 1.70
CA ARG B 240 -5.30 15.54 0.91
C ARG B 240 -5.44 15.96 -0.52
N GLU B 241 -4.87 15.19 -1.42
CA GLU B 241 -4.95 15.46 -2.86
C GLU B 241 -6.39 15.33 -3.35
N MET B 242 -6.82 16.22 -4.22
CA MET B 242 -8.18 16.12 -4.82
C MET B 242 -8.03 15.20 -6.07
N ILE B 243 -8.27 13.93 -5.80
CA ILE B 243 -8.18 12.86 -6.78
C ILE B 243 -9.34 11.92 -6.57
N ASN B 244 -9.69 11.19 -7.62
CA ASN B 244 -10.70 10.18 -7.46
C ASN B 244 -12.03 10.71 -6.94
N ASN B 245 -12.41 11.89 -7.40
CA ASN B 245 -13.56 12.59 -6.90
C ASN B 245 -14.82 12.29 -7.71
N PHE B 246 -15.14 11.04 -7.80
CA PHE B 246 -16.30 10.56 -8.51
C PHE B 246 -17.02 9.57 -7.64
N ARG B 247 -18.33 9.50 -7.72
CA ARG B 247 -19.14 8.54 -6.97
C ARG B 247 -19.25 7.26 -7.82
N GLN B 248 -19.30 6.09 -7.16
CA GLN B 248 -19.66 4.88 -7.88
C GLN B 248 -21.05 4.97 -8.44
N VAL B 249 -21.32 4.22 -9.51
CA VAL B 249 -22.68 4.18 -10.06
C VAL B 249 -23.66 3.54 -9.07
N GLN B 250 -24.92 4.00 -9.17
CA GLN B 250 -25.98 3.64 -8.28
C GLN B 250 -26.94 2.64 -8.94
N LYS B 251 -27.65 1.90 -8.07
CA LYS B 251 -28.71 1.06 -8.60
C LYS B 251 -29.76 1.88 -9.38
N PHE B 252 -30.32 1.33 -10.43
CA PHE B 252 -31.33 2.06 -11.21
C PHE B 252 -32.19 1.01 -11.84
N ASP B 253 -33.22 0.69 -11.12
CA ASP B 253 -34.17 -0.38 -11.51
C ASP B 253 -35.47 0.28 -11.27
N GLU B 254 -36.44 -0.15 -12.06
CA GLU B 254 -37.58 0.70 -12.19
C GLU B 254 -37.21 2.03 -12.89
N ARG B 255 -36.03 2.67 -12.73
CA ARG B 255 -35.83 3.89 -13.52
C ARG B 255 -35.48 3.46 -15.06
N LEU B 256 -35.81 4.23 -16.09
CA LEU B 256 -35.39 4.14 -17.45
C LEU B 256 -34.73 5.48 -17.83
N VAL B 257 -33.81 5.34 -18.70
CA VAL B 257 -33.07 6.44 -19.26
C VAL B 257 -33.56 6.61 -20.70
N TYR B 258 -33.90 7.82 -21.05
CA TYR B 258 -34.48 8.10 -22.35
C TYR B 258 -33.43 8.68 -23.26
N THR B 259 -33.39 8.24 -24.50
CA THR B 259 -32.37 8.65 -25.43
C THR B 259 -32.99 9.42 -26.56
N SER B 260 -32.26 10.42 -27.01
CA SER B 260 -32.73 11.26 -28.16
C SER B 260 -32.27 10.67 -29.44
N PHE B 261 -31.61 9.51 -29.43
CA PHE B 261 -31.08 8.79 -30.55
C PHE B 261 -31.63 7.39 -30.49
N SER B 262 -31.98 6.76 -31.62
CA SER B 262 -32.58 5.40 -31.56
C SER B 262 -31.58 4.31 -31.19
N GLN B 263 -30.35 4.65 -31.50
CA GLN B 263 -29.40 3.79 -32.31
C GLN B 263 -28.15 4.61 -32.68
N SER C 2 10.50 -7.91 29.06
CA SER C 2 11.37 -8.50 28.00
C SER C 2 11.20 -7.76 26.68
N LYS C 3 9.97 -7.77 26.19
CA LYS C 3 9.36 -6.78 25.31
C LYS C 3 10.27 -6.15 24.29
N TRP C 4 11.04 -6.97 23.58
CA TRP C 4 11.68 -6.47 22.34
C TRP C 4 11.03 -7.06 21.10
N THR C 5 11.14 -6.30 20.01
CA THR C 5 10.56 -6.71 18.74
C THR C 5 11.55 -6.33 17.61
N TYR C 6 11.11 -6.61 16.38
CA TYR C 6 11.80 -6.12 15.15
C TYR C 6 11.07 -5.00 14.47
N PHE C 7 10.10 -4.46 15.15
CA PHE C 7 9.26 -3.44 14.52
C PHE C 7 8.90 -2.29 15.48
N GLY C 8 8.16 -1.32 14.96
CA GLY C 8 7.43 -0.36 15.83
C GLY C 8 8.39 0.16 16.89
N PRO C 9 7.85 0.49 18.08
CA PRO C 9 8.59 1.22 19.11
C PRO C 9 9.61 0.39 19.92
N ASP C 10 9.49 -0.94 19.92
CA ASP C 10 10.38 -1.84 20.68
C ASP C 10 11.34 -2.57 19.81
N GLY C 11 11.52 -2.03 18.60
CA GLY C 11 12.43 -2.52 17.59
C GLY C 11 13.87 -2.19 17.85
N GLU C 12 14.71 -2.55 16.85
CA GLU C 12 16.13 -2.71 17.14
C GLU C 12 16.83 -1.45 17.51
N ASN C 13 16.38 -0.26 17.08
CA ASN C 13 17.04 0.98 17.51
C ASN C 13 16.84 1.26 18.99
N SER C 14 15.82 0.60 19.52
N SER C 14 15.86 0.64 19.62
CA SER C 14 15.46 0.79 20.93
CA SER C 14 15.67 0.89 21.08
C SER C 14 16.09 -0.21 21.89
C SER C 14 16.06 -0.30 21.95
N TRP C 15 16.60 -1.35 21.36
CA TRP C 15 17.11 -2.42 22.19
C TRP C 15 18.08 -1.99 23.25
N SER C 16 18.95 -1.04 22.92
CA SER C 16 20.01 -0.65 23.83
C SER C 16 19.50 -0.03 25.13
N LYS C 17 18.21 0.37 25.17
N LYS C 17 18.25 0.45 25.19
CA LYS C 17 17.71 0.95 26.42
CA LYS C 17 17.76 1.04 26.45
C LYS C 17 17.76 -0.09 27.53
C LYS C 17 17.69 -0.04 27.54
N LYS C 18 17.16 -1.22 27.26
N LYS C 18 17.16 -1.20 27.24
CA LYS C 18 17.10 -2.31 28.25
CA LYS C 18 17.09 -2.29 28.23
C LYS C 18 18.25 -3.27 28.14
C LYS C 18 18.23 -3.29 28.13
N TYR C 19 18.91 -3.29 26.99
CA TYR C 19 19.99 -4.27 26.73
C TYR C 19 21.21 -3.51 26.28
N PRO C 20 21.98 -2.94 27.22
N PRO C 20 22.04 -3.04 27.21
CA PRO C 20 23.05 -2.01 26.90
CA PRO C 20 22.98 -2.01 26.80
C PRO C 20 24.03 -2.61 25.88
C PRO C 20 24.09 -2.59 25.91
N SER C 21 24.29 -3.91 25.87
CA SER C 21 25.28 -4.41 24.94
C SER C 21 24.87 -4.22 23.47
N CYS C 22 23.57 -4.00 23.21
CA CYS C 22 23.14 -3.78 21.83
C CYS C 22 23.68 -2.47 21.26
N GLY C 23 24.18 -1.57 22.12
CA GLY C 23 24.84 -0.38 21.67
C GLY C 23 26.36 -0.39 21.90
N GLY C 24 26.91 -1.57 22.22
CA GLY C 24 28.32 -1.69 22.49
C GLY C 24 29.15 -2.24 21.38
N LEU C 25 30.27 -2.80 21.75
CA LEU C 25 31.27 -3.29 20.78
C LEU C 25 30.83 -4.63 20.17
N LEU C 26 31.46 -4.94 19.07
CA LEU C 26 31.48 -6.27 18.44
C LEU C 26 30.10 -6.68 17.95
N GLN C 27 29.28 -5.74 17.52
CA GLN C 27 27.89 -6.14 17.16
C GLN C 27 27.81 -6.80 15.79
N SER C 28 26.92 -7.77 15.75
CA SER C 28 26.54 -8.53 14.56
C SER C 28 25.10 -8.26 14.19
N PRO C 29 24.67 -8.53 12.94
CA PRO C 29 25.44 -9.05 11.82
C PRO C 29 26.17 -7.95 11.11
N ILE C 30 26.92 -8.36 10.07
CA ILE C 30 27.77 -7.44 9.30
C ILE C 30 27.70 -7.83 7.83
N ASP C 31 28.16 -6.90 7.02
CA ASP C 31 28.37 -7.15 5.58
C ASP C 31 29.74 -7.79 5.35
N LEU C 32 29.76 -8.88 4.61
CA LEU C 32 30.94 -9.67 4.29
C LEU C 32 31.36 -9.26 2.89
N HIS C 33 32.47 -8.56 2.71
CA HIS C 33 32.86 -8.04 1.37
C HIS C 33 34.33 -8.10 1.23
N SER C 34 34.82 -8.08 -0.03
CA SER C 34 36.20 -8.48 -0.34
C SER C 34 37.25 -7.71 0.40
N ASP C 35 37.05 -6.39 0.49
CA ASP C 35 38.12 -5.55 1.03
C ASP C 35 38.43 -5.80 2.47
N ILE C 36 37.54 -6.49 3.20
CA ILE C 36 37.81 -6.76 4.59
C ILE C 36 38.09 -8.24 4.82
N LEU C 37 38.23 -9.08 3.75
CA LEU C 37 38.51 -10.51 3.98
C LEU C 37 39.98 -10.78 4.03
N GLN C 38 40.39 -11.74 4.85
CA GLN C 38 41.80 -12.14 4.90
C GLN C 38 41.84 -13.62 5.13
N TYR C 39 42.53 -14.35 4.24
CA TYR C 39 42.73 -15.81 4.45
C TYR C 39 43.45 -16.06 5.75
N ASP C 40 43.05 -17.10 6.48
CA ASP C 40 43.69 -17.46 7.74
C ASP C 40 43.85 -18.98 7.74
N ALA C 41 45.11 -19.43 7.69
CA ALA C 41 45.41 -20.89 7.67
C ALA C 41 44.97 -21.62 8.85
N SER C 42 44.66 -20.96 9.96
CA SER C 42 44.18 -21.68 11.14
C SER C 42 42.77 -22.20 10.96
N LEU C 43 42.06 -21.73 9.94
CA LEU C 43 40.62 -22.00 9.86
C LEU C 43 40.43 -23.32 9.16
N THR C 44 40.72 -24.38 9.89
CA THR C 44 40.64 -25.78 9.35
C THR C 44 39.18 -26.25 9.43
N PRO C 45 38.88 -27.37 8.84
CA PRO C 45 37.48 -27.81 8.82
C PRO C 45 36.92 -28.14 10.22
N LEU C 46 35.70 -27.70 10.55
CA LEU C 46 35.04 -28.07 11.78
C LEU C 46 34.52 -29.49 11.67
N GLU C 47 34.32 -30.16 12.81
CA GLU C 47 33.65 -31.48 12.88
C GLU C 47 32.30 -31.31 13.66
N PHE C 48 31.19 -31.88 13.11
CA PHE C 48 29.89 -31.72 13.72
C PHE C 48 29.62 -33.08 14.35
N GLN C 49 29.63 -33.11 15.67
CA GLN C 49 29.53 -34.38 16.39
C GLN C 49 28.17 -34.48 17.03
N GLY C 50 27.53 -35.69 16.92
CA GLY C 50 26.28 -35.83 17.61
C GLY C 50 25.10 -35.14 16.94
N TYR C 51 25.35 -34.74 15.68
CA TYR C 51 24.30 -34.01 14.94
C TYR C 51 23.18 -34.91 14.38
N ASN C 52 23.36 -36.21 14.43
CA ASN C 52 22.34 -37.09 13.91
C ASN C 52 21.42 -37.47 15.03
N LEU C 53 20.35 -36.73 15.22
CA LEU C 53 19.39 -36.91 16.27
C LEU C 53 18.47 -38.09 15.86
N SER C 54 18.03 -38.89 16.86
CA SER C 54 17.17 -40.07 16.63
C SER C 54 15.77 -39.70 16.26
N ALA C 55 15.23 -40.46 15.29
CA ALA C 55 13.92 -40.18 14.76
C ALA C 55 12.96 -40.36 15.95
N ASN C 56 13.38 -41.29 16.86
CA ASN C 56 12.46 -41.69 17.95
C ASN C 56 12.57 -40.76 19.21
N LYS C 57 13.58 -39.85 19.14
CA LYS C 57 13.77 -38.83 20.16
C LYS C 57 12.97 -37.65 19.54
N GLN C 58 12.51 -36.70 20.39
CA GLN C 58 11.85 -35.47 19.95
C GLN C 58 12.41 -34.23 20.68
N PHE C 59 12.18 -33.09 20.00
CA PHE C 59 12.84 -31.77 20.21
C PHE C 59 11.86 -30.65 20.26
N LEU C 60 11.96 -29.71 21.22
N LEU C 60 11.86 -30.00 21.40
CA LEU C 60 10.87 -28.75 21.49
CA LEU C 60 11.03 -28.88 21.60
C LEU C 60 10.99 -27.59 20.49
C LEU C 60 11.36 -27.92 20.42
N LEU C 61 9.92 -27.37 19.75
N LEU C 61 10.27 -27.38 19.88
CA LEU C 61 9.76 -26.22 18.87
CA LEU C 61 10.24 -26.35 18.84
C LEU C 61 8.91 -25.17 19.60
C LEU C 61 9.18 -25.33 19.46
N THR C 62 9.41 -23.96 19.56
CA THR C 62 8.74 -22.84 20.28
C THR C 62 8.70 -21.61 19.40
N ASN C 63 7.52 -21.05 19.30
CA ASN C 63 7.40 -19.73 18.85
C ASN C 63 7.59 -18.74 20.04
N ASN C 64 8.71 -18.04 20.10
CA ASN C 64 8.93 -17.20 21.23
C ASN C 64 8.57 -15.82 20.91
N GLY C 65 7.81 -15.64 19.80
CA GLY C 65 7.40 -14.30 19.41
C GLY C 65 8.44 -13.57 18.65
N HIS C 66 9.66 -14.12 18.57
CA HIS C 66 10.74 -13.46 17.87
C HIS C 66 11.14 -14.25 16.67
N SER C 67 11.18 -15.54 16.87
CA SER C 67 11.46 -16.47 15.86
C SER C 67 10.79 -17.76 16.20
N VAL C 68 11.16 -18.80 15.44
CA VAL C 68 10.89 -20.20 15.85
C VAL C 68 12.19 -20.93 16.09
N LYS C 69 12.25 -21.48 17.30
CA LYS C 69 13.49 -22.09 17.81
C LYS C 69 13.18 -23.54 18.08
N LEU C 70 14.15 -24.39 17.74
CA LEU C 70 14.26 -25.72 18.12
C LEU C 70 15.35 -26.03 19.09
N ASN C 71 14.98 -26.57 20.23
CA ASN C 71 15.96 -26.89 21.28
C ASN C 71 16.74 -28.03 20.76
N LEU C 72 18.04 -28.00 21.10
CA LEU C 72 18.91 -29.04 20.67
C LEU C 72 19.71 -29.64 21.89
N PRO C 73 20.13 -30.92 21.87
CA PRO C 73 20.74 -31.61 23.05
C PRO C 73 22.21 -31.31 23.26
N SER C 74 22.65 -31.20 24.50
CA SER C 74 24.02 -30.69 24.75
C SER C 74 25.16 -31.67 24.35
N ASP C 75 24.84 -32.96 24.11
CA ASP C 75 25.86 -33.89 23.62
C ASP C 75 26.15 -33.69 22.09
N MET C 76 25.34 -32.84 21.43
CA MET C 76 25.68 -32.44 20.09
C MET C 76 26.68 -31.24 20.17
N HIS C 77 27.77 -31.30 19.37
CA HIS C 77 28.87 -30.34 19.58
C HIS C 77 29.74 -30.16 18.37
N ILE C 78 30.38 -29.01 18.33
CA ILE C 78 31.40 -28.72 17.37
C ILE C 78 32.77 -29.08 17.93
N GLN C 79 33.58 -29.76 17.14
CA GLN C 79 34.94 -30.10 17.53
C GLN C 79 35.84 -29.34 16.50
N GLY C 80 36.94 -28.77 16.97
CA GLY C 80 37.80 -28.04 16.11
C GLY C 80 38.08 -26.61 16.56
N LEU C 81 37.25 -26.06 17.44
CA LEU C 81 37.48 -24.70 17.96
C LEU C 81 38.39 -24.79 19.21
N GLN C 82 38.72 -23.66 19.83
CA GLN C 82 39.71 -23.65 20.93
C GLN C 82 39.11 -24.31 22.20
N SER C 83 37.79 -24.39 22.28
CA SER C 83 36.99 -25.08 23.32
C SER C 83 35.96 -25.92 22.66
N ARG C 84 35.38 -26.87 23.42
CA ARG C 84 34.23 -27.55 22.91
C ARG C 84 33.02 -26.66 22.99
N TYR C 85 32.24 -26.55 21.90
CA TYR C 85 30.96 -25.77 21.92
C TYR C 85 29.83 -26.72 21.67
N SER C 86 28.92 -26.84 22.65
CA SER C 86 27.83 -27.79 22.60
C SER C 86 26.56 -27.07 22.16
N ALA C 87 25.73 -27.81 21.43
CA ALA C 87 24.45 -27.18 20.96
C ALA C 87 23.44 -26.76 22.02
N THR C 88 22.69 -25.69 21.74
CA THR C 88 21.57 -25.29 22.60
C THR C 88 20.27 -25.12 21.85
N GLN C 89 20.34 -24.53 20.67
CA GLN C 89 19.13 -24.40 19.85
C GLN C 89 19.46 -23.89 18.45
N LEU C 90 18.53 -24.07 17.49
CA LEU C 90 18.63 -23.37 16.28
C LEU C 90 17.40 -22.56 16.02
N HIS C 91 17.51 -21.68 15.08
CA HIS C 91 16.36 -20.77 14.79
C HIS C 91 16.70 -20.18 13.38
N LEU C 92 15.73 -19.47 12.85
CA LEU C 92 15.90 -18.83 11.55
C LEU C 92 15.49 -17.37 11.57
N HIS C 93 15.96 -16.71 10.50
CA HIS C 93 15.60 -15.30 10.30
C HIS C 93 15.20 -15.20 8.84
N TRP C 94 14.17 -14.42 8.58
CA TRP C 94 13.68 -14.31 7.16
C TRP C 94 13.02 -12.95 6.93
N GLY C 95 12.65 -12.76 5.67
CA GLY C 95 12.06 -11.51 5.24
C GLY C 95 10.53 -11.57 5.15
N ASN C 96 9.99 -11.24 3.99
CA ASN C 96 8.55 -11.35 3.81
C ASN C 96 8.30 -11.57 2.33
N PRO C 97 7.05 -11.95 1.94
CA PRO C 97 6.83 -12.31 0.54
C PRO C 97 7.06 -11.19 -0.47
N ASN C 98 6.81 -9.96 -0.05
CA ASN C 98 7.07 -8.81 -0.94
C ASN C 98 8.50 -8.38 -1.02
N ASP C 99 9.35 -8.87 -0.13
CA ASP C 99 10.78 -8.54 -0.12
C ASP C 99 11.48 -9.72 0.55
N PRO C 100 11.68 -10.78 -0.20
CA PRO C 100 12.10 -12.04 0.40
C PRO C 100 13.61 -12.08 0.48
N HIS C 101 14.13 -11.16 1.37
CA HIS C 101 15.58 -10.96 1.50
C HIS C 101 15.95 -10.71 2.92
N GLY C 102 15.78 -11.69 3.79
CA GLY C 102 15.85 -11.49 5.19
C GLY C 102 16.92 -12.23 5.92
N SER C 103 18.04 -12.49 5.24
CA SER C 103 19.21 -12.93 5.99
C SER C 103 19.71 -11.85 6.90
N GLU C 104 20.50 -12.20 7.89
CA GLU C 104 21.13 -11.20 8.76
C GLU C 104 22.45 -10.71 8.16
N HIS C 105 23.37 -11.65 7.94
CA HIS C 105 24.61 -11.29 7.21
C HIS C 105 24.28 -11.00 5.75
N THR C 106 25.06 -10.11 5.17
CA THR C 106 25.01 -9.82 3.74
C THR C 106 26.36 -10.12 3.15
N VAL C 107 26.37 -10.35 1.83
CA VAL C 107 27.62 -10.60 1.13
C VAL C 107 27.70 -9.58 0.00
N SER C 108 28.71 -8.72 0.03
CA SER C 108 28.80 -7.66 -0.94
C SER C 108 27.53 -6.82 -1.02
N GLY C 109 26.99 -6.57 0.17
CA GLY C 109 25.84 -5.75 0.30
C GLY C 109 24.53 -6.42 0.06
N GLN C 110 24.51 -7.70 -0.32
CA GLN C 110 23.31 -8.39 -0.70
C GLN C 110 22.81 -9.34 0.37
N HIS C 111 21.51 -9.23 0.69
CA HIS C 111 20.91 -10.20 1.55
C HIS C 111 20.67 -11.48 0.78
N PHE C 112 20.63 -12.55 1.49
CA PHE C 112 20.08 -13.83 1.07
C PHE C 112 18.61 -13.89 1.50
N ALA C 113 17.88 -14.88 1.03
CA ALA C 113 16.50 -15.01 1.43
C ALA C 113 16.28 -15.18 2.91
N ALA C 114 17.11 -16.00 3.57
CA ALA C 114 16.90 -16.28 4.99
C ALA C 114 18.25 -16.82 5.51
N GLU C 115 18.29 -17.03 6.79
CA GLU C 115 19.53 -17.47 7.40
C GLU C 115 19.12 -18.39 8.57
N LEU C 116 19.87 -19.52 8.67
CA LEU C 116 19.70 -20.44 9.79
C LEU C 116 20.91 -20.27 10.78
N HIS C 117 20.61 -20.19 12.05
CA HIS C 117 21.63 -20.12 13.12
C HIS C 117 21.56 -21.35 13.97
N ILE C 118 22.70 -22.01 14.14
CA ILE C 118 22.78 -23.13 15.09
C ILE C 118 23.67 -22.69 16.24
N VAL C 119 23.05 -22.43 17.38
CA VAL C 119 23.65 -21.81 18.52
C VAL C 119 24.29 -22.84 19.39
N HIS C 120 25.56 -22.63 19.72
CA HIS C 120 26.30 -23.53 20.65
C HIS C 120 26.91 -22.69 21.77
N TYR C 121 27.16 -23.34 22.94
CA TYR C 121 27.77 -22.61 24.06
C TYR C 121 29.03 -23.35 24.44
N ASN C 122 29.90 -22.64 25.13
CA ASN C 122 31.20 -23.19 25.50
C ASN C 122 31.04 -23.99 26.77
N SER C 123 30.91 -25.28 26.55
CA SER C 123 30.58 -26.20 27.68
C SER C 123 31.85 -26.58 28.43
N ASP C 124 33.02 -26.29 27.89
CA ASP C 124 34.22 -26.47 28.67
C ASP C 124 34.29 -25.42 29.79
N LEU C 125 33.84 -24.21 29.52
CA LEU C 125 33.91 -23.15 30.51
C LEU C 125 32.64 -22.99 31.35
N TYR C 126 31.45 -23.30 30.76
CA TYR C 126 30.19 -22.96 31.33
C TYR C 126 29.27 -24.12 31.42
N PRO C 127 28.29 -24.11 32.39
CA PRO C 127 27.46 -25.26 32.58
C PRO C 127 26.28 -25.33 31.65
N ASP C 128 25.90 -24.19 31.08
CA ASP C 128 24.71 -24.17 30.21
C ASP C 128 24.76 -22.92 29.36
N ALA C 129 23.84 -22.80 28.41
CA ALA C 129 23.90 -21.73 27.43
C ALA C 129 23.51 -20.38 28.06
N SER C 130 22.55 -20.37 29.00
CA SER C 130 22.19 -19.13 29.60
C SER C 130 23.32 -18.54 30.39
N THR C 131 24.06 -19.39 31.15
CA THR C 131 25.16 -18.85 31.93
C THR C 131 26.23 -18.39 30.95
N ALA C 132 26.47 -19.18 29.89
CA ALA C 132 27.58 -18.80 28.94
C ALA C 132 27.33 -17.51 28.20
N SER C 133 26.07 -17.15 27.99
CA SER C 133 25.76 -16.23 26.87
C SER C 133 26.31 -14.85 27.13
N ASN C 134 26.50 -14.45 28.39
CA ASN C 134 27.04 -13.12 28.71
C ASN C 134 28.49 -13.17 29.15
N LYS C 135 29.19 -14.28 28.86
CA LYS C 135 30.53 -14.48 29.44
C LYS C 135 31.52 -14.65 28.29
N SER C 136 32.79 -14.38 28.63
CA SER C 136 33.86 -14.49 27.69
C SER C 136 33.87 -15.83 26.95
N GLU C 137 33.98 -15.77 25.64
CA GLU C 137 34.09 -16.98 24.79
C GLU C 137 32.88 -17.89 24.99
N GLY C 138 31.71 -17.28 25.25
CA GLY C 138 30.57 -18.10 25.69
C GLY C 138 29.88 -18.86 24.60
N LEU C 139 29.84 -18.31 23.38
CA LEU C 139 29.00 -18.87 22.33
C LEU C 139 29.72 -19.02 21.00
N ALA C 140 29.20 -19.95 20.17
CA ALA C 140 29.65 -20.11 18.81
C ALA C 140 28.38 -20.38 18.02
N VAL C 141 28.20 -19.64 16.91
CA VAL C 141 27.04 -19.82 16.10
C VAL C 141 27.49 -20.20 14.70
N LEU C 142 26.84 -21.21 14.17
CA LEU C 142 26.98 -21.54 12.79
C LEU C 142 25.92 -20.87 11.98
N ALA C 143 26.22 -20.19 10.90
CA ALA C 143 25.25 -19.51 10.06
C ALA C 143 25.21 -20.08 8.68
N VAL C 144 24.04 -20.41 8.24
CA VAL C 144 23.85 -20.93 6.89
C VAL C 144 22.96 -19.95 6.14
N LEU C 145 23.48 -19.42 5.02
CA LEU C 145 22.75 -18.52 4.15
C LEU C 145 21.81 -19.35 3.27
N ILE C 146 20.59 -18.88 3.09
CA ILE C 146 19.52 -19.65 2.39
C ILE C 146 19.07 -18.83 1.21
N GLU C 147 19.03 -19.43 0.02
CA GLU C 147 18.47 -18.80 -1.17
C GLU C 147 17.38 -19.69 -1.76
N MET C 148 16.52 -19.09 -2.61
N MET C 148 16.56 -19.11 -2.60
CA MET C 148 15.54 -19.79 -3.45
CA MET C 148 15.59 -19.89 -3.33
C MET C 148 16.29 -20.73 -4.41
C MET C 148 16.23 -20.73 -4.43
N GLY C 149 15.78 -21.99 -4.55
CA GLY C 149 16.28 -22.91 -5.59
C GLY C 149 15.51 -24.21 -5.48
N SER C 150 16.17 -25.37 -5.55
CA SER C 150 15.45 -26.66 -5.57
C SER C 150 14.84 -26.91 -4.19
N PHE C 151 13.76 -27.68 -4.07
CA PHE C 151 13.24 -27.77 -2.73
C PHE C 151 14.22 -28.70 -1.91
N ASN C 152 14.18 -28.60 -0.58
CA ASN C 152 15.03 -29.15 0.41
C ASN C 152 14.23 -29.88 1.51
N PRO C 153 14.19 -31.23 1.43
CA PRO C 153 13.51 -32.16 2.34
C PRO C 153 14.07 -32.10 3.74
N SER C 154 15.36 -31.70 3.94
CA SER C 154 15.88 -31.51 5.33
C SER C 154 15.24 -30.35 6.01
N TYR C 155 15.18 -29.16 5.35
CA TYR C 155 14.62 -27.99 5.96
C TYR C 155 13.10 -28.30 6.19
N ASP C 156 12.47 -29.16 5.32
CA ASP C 156 11.04 -29.48 5.51
C ASP C 156 10.71 -30.28 6.84
N LYS C 157 11.78 -30.86 7.40
CA LYS C 157 11.69 -31.49 8.73
C LYS C 157 11.37 -30.53 9.86
N ILE C 158 11.71 -29.20 9.72
CA ILE C 158 11.28 -28.19 10.63
C ILE C 158 10.00 -27.63 10.06
N PHE C 159 10.04 -27.25 8.77
CA PHE C 159 8.95 -26.41 8.26
C PHE C 159 7.54 -27.02 8.29
N SER C 160 7.53 -28.32 8.34
CA SER C 160 6.30 -29.10 8.30
C SER C 160 5.61 -29.11 9.64
N HIS C 161 6.22 -28.54 10.67
CA HIS C 161 5.67 -28.41 11.99
C HIS C 161 5.19 -27.00 12.30
N LEU C 162 5.44 -25.98 11.43
CA LEU C 162 5.21 -24.56 11.82
C LEU C 162 3.77 -24.19 12.10
N GLN C 163 2.75 -24.91 11.53
CA GLN C 163 1.32 -24.58 11.83
C GLN C 163 0.96 -24.95 13.31
N HIS C 164 1.82 -25.76 13.95
CA HIS C 164 1.65 -26.14 15.37
C HIS C 164 2.12 -25.13 16.37
N VAL C 165 2.92 -24.19 15.87
CA VAL C 165 3.38 -23.10 16.80
C VAL C 165 3.14 -21.76 16.13
N LYS C 166 1.98 -21.63 15.50
CA LYS C 166 1.73 -20.41 14.79
C LYS C 166 1.78 -19.16 15.61
N TYR C 167 1.47 -19.29 16.91
CA TYR C 167 1.33 -18.13 17.83
C TYR C 167 2.37 -18.05 18.92
N LYS C 168 2.58 -16.82 19.44
CA LYS C 168 3.58 -16.56 20.46
C LYS C 168 3.32 -17.44 21.66
N GLY C 169 4.38 -18.07 22.12
CA GLY C 169 4.38 -18.97 23.25
C GLY C 169 4.04 -20.41 22.98
N GLN C 170 3.51 -20.72 21.80
CA GLN C 170 3.12 -22.09 21.50
C GLN C 170 4.33 -22.95 21.21
N GLU C 171 4.17 -24.22 21.60
CA GLU C 171 5.20 -25.21 21.50
C GLU C 171 4.67 -26.45 20.86
N ALA C 172 5.57 -27.16 20.27
CA ALA C 172 5.33 -28.48 19.68
C ALA C 172 6.61 -29.24 19.68
N PHE C 173 6.61 -30.45 19.21
CA PHE C 173 7.80 -31.27 19.20
C PHE C 173 7.99 -31.63 17.78
N VAL C 174 9.27 -31.66 17.45
CA VAL C 174 9.75 -32.18 16.17
C VAL C 174 10.51 -33.48 16.41
N PRO C 175 10.27 -34.54 15.59
CA PRO C 175 11.13 -35.75 15.68
C PRO C 175 12.54 -35.43 15.32
N GLY C 176 13.46 -36.13 15.98
CA GLY C 176 14.90 -36.05 15.66
C GLY C 176 15.17 -36.36 14.21
N PHE C 177 16.10 -35.54 13.66
CA PHE C 177 16.76 -35.84 12.37
C PHE C 177 18.20 -35.40 12.37
N ASN C 178 18.94 -35.61 11.24
CA ASN C 178 20.28 -35.24 11.16
C ASN C 178 20.52 -33.81 10.77
N ILE C 179 20.82 -33.04 11.86
CA ILE C 179 20.97 -31.61 11.77
C ILE C 179 22.06 -31.22 10.70
N GLU C 180 23.03 -32.06 10.54
CA GLU C 180 24.02 -31.90 9.50
C GLU C 180 23.53 -31.64 8.06
N GLU C 181 22.38 -32.22 7.76
CA GLU C 181 21.80 -32.01 6.47
C GLU C 181 21.34 -30.56 6.22
N LEU C 182 21.18 -29.74 7.31
CA LEU C 182 20.87 -28.27 7.20
C LEU C 182 22.09 -27.51 6.61
N LEU C 183 23.27 -28.10 6.66
CA LEU C 183 24.47 -27.36 6.37
C LEU C 183 24.73 -27.41 4.91
N PRO C 184 25.39 -26.42 4.35
CA PRO C 184 25.62 -26.40 2.95
C PRO C 184 26.71 -27.31 2.49
N GLU C 185 26.92 -27.27 1.19
CA GLU C 185 28.08 -27.86 0.55
C GLU C 185 29.40 -27.15 0.93
N ARG C 186 30.46 -27.99 0.99
CA ARG C 186 31.80 -27.50 1.30
C ARG C 186 31.88 -26.74 2.59
N THR C 187 31.43 -27.35 3.68
CA THR C 187 31.53 -26.70 4.97
C THR C 187 32.93 -26.22 5.30
N ALA C 188 33.97 -26.73 4.60
CA ALA C 188 35.33 -26.27 4.84
C ALA C 188 35.50 -24.80 4.52
N GLU C 189 34.65 -24.24 3.66
CA GLU C 189 34.77 -22.85 3.23
C GLU C 189 33.86 -21.98 4.09
N TYR C 190 34.42 -21.05 4.84
CA TYR C 190 33.62 -20.25 5.75
C TYR C 190 34.33 -18.93 6.02
N TYR C 191 33.52 -17.96 6.50
CA TYR C 191 33.96 -16.73 7.08
C TYR C 191 33.92 -16.86 8.60
N ARG C 192 34.88 -16.19 9.25
CA ARG C 192 34.98 -16.25 10.71
C ARG C 192 35.21 -14.87 11.26
N TYR C 193 34.49 -14.49 12.31
CA TYR C 193 34.84 -13.25 13.02
C TYR C 193 34.24 -13.34 14.40
N ARG C 194 34.74 -12.49 15.31
CA ARG C 194 34.19 -12.37 16.64
C ARG C 194 33.08 -11.27 16.63
N GLY C 195 31.93 -11.66 17.12
CA GLY C 195 30.80 -10.73 17.13
C GLY C 195 29.88 -10.99 18.28
N SER C 196 28.58 -10.79 18.04
CA SER C 196 27.64 -10.72 19.13
C SER C 196 26.41 -11.57 18.80
N LEU C 197 25.55 -11.76 19.82
CA LEU C 197 24.19 -12.16 19.50
C LEU C 197 23.60 -11.08 18.60
N THR C 198 22.75 -11.48 17.65
CA THR C 198 22.03 -10.50 16.81
C THR C 198 20.70 -10.16 17.38
N THR C 199 20.38 -10.70 18.53
CA THR C 199 19.14 -10.39 19.31
C THR C 199 19.54 -9.91 20.67
N PRO C 200 18.65 -9.18 21.35
CA PRO C 200 18.94 -8.87 22.77
C PRO C 200 19.24 -10.16 23.51
N PRO C 201 20.18 -10.14 24.44
CA PRO C 201 20.87 -8.93 24.96
C PRO C 201 22.09 -8.51 24.12
N CYS C 202 22.33 -9.10 22.94
CA CYS C 202 23.39 -8.60 22.07
C CYS C 202 24.80 -8.74 22.66
N ASN C 203 24.99 -9.72 23.54
CA ASN C 203 26.29 -9.80 24.19
C ASN C 203 27.38 -10.09 23.14
N PRO C 204 28.54 -9.48 23.34
CA PRO C 204 29.65 -9.63 22.31
C PRO C 204 30.46 -10.87 22.59
N THR C 205 29.77 -12.02 22.59
CA THR C 205 30.32 -13.26 23.11
C THR C 205 30.26 -14.40 22.08
N VAL C 206 29.98 -14.05 20.79
CA VAL C 206 29.78 -15.06 19.75
C VAL C 206 30.96 -15.17 18.80
N LEU C 207 31.46 -16.40 18.67
CA LEU C 207 32.42 -16.73 17.59
C LEU C 207 31.51 -17.10 16.41
N TRP C 208 31.51 -16.30 15.35
CA TRP C 208 30.68 -16.53 14.18
C TRP C 208 31.41 -17.35 13.14
N THR C 209 30.71 -18.31 12.58
CA THR C 209 31.18 -19.03 11.44
C THR C 209 30.02 -18.98 10.41
N VAL C 210 30.26 -18.28 9.30
CA VAL C 210 29.24 -18.13 8.27
C VAL C 210 29.69 -18.94 7.08
N PHE C 211 29.00 -19.99 6.71
CA PHE C 211 29.49 -20.76 5.62
C PHE C 211 29.49 -19.98 4.30
N ARG C 212 30.49 -20.20 3.44
CA ARG C 212 30.58 -19.43 2.22
C ARG C 212 29.44 -19.72 1.25
N ASN C 213 29.04 -20.99 1.17
CA ASN C 213 28.07 -21.38 0.18
C ASN C 213 26.69 -21.52 0.79
N PRO C 214 25.67 -20.95 0.11
CA PRO C 214 24.32 -21.03 0.60
C PRO C 214 23.69 -22.35 0.34
N VAL C 215 22.63 -22.67 1.09
CA VAL C 215 21.76 -23.81 0.72
C VAL C 215 20.57 -23.24 -0.05
N GLN C 216 19.86 -24.10 -0.77
CA GLN C 216 18.65 -23.75 -1.45
C GLN C 216 17.42 -24.41 -0.83
N ILE C 217 16.37 -23.63 -0.75
CA ILE C 217 15.02 -24.12 -0.44
C ILE C 217 14.12 -23.70 -1.60
N SER C 218 13.05 -24.44 -1.85
CA SER C 218 12.27 -24.08 -2.99
C SER C 218 11.58 -22.77 -2.73
N GLN C 219 11.06 -22.20 -3.82
CA GLN C 219 10.25 -21.01 -3.64
C GLN C 219 9.00 -21.32 -2.81
N GLU C 220 8.45 -22.53 -2.96
CA GLU C 220 7.38 -22.93 -2.05
C GLU C 220 7.79 -23.03 -0.57
N GLN C 221 8.94 -23.61 -0.28
CA GLN C 221 9.41 -23.70 1.13
C GLN C 221 9.57 -22.26 1.70
N LEU C 222 10.15 -21.36 0.90
CA LEU C 222 10.49 -20.02 1.38
C LEU C 222 9.20 -19.26 1.70
N LEU C 223 8.24 -19.38 0.77
CA LEU C 223 6.97 -18.72 0.91
C LEU C 223 6.24 -19.33 2.14
N ALA C 224 6.30 -20.66 2.34
CA ALA C 224 5.76 -21.31 3.53
C ALA C 224 6.33 -20.74 4.82
N LEU C 225 7.65 -20.62 4.91
CA LEU C 225 8.27 -20.07 6.10
C LEU C 225 7.85 -18.62 6.37
N GLU C 226 7.79 -17.82 5.32
CA GLU C 226 7.43 -16.38 5.48
C GLU C 226 6.02 -16.15 5.87
N THR C 227 5.16 -17.14 5.62
CA THR C 227 3.74 -17.04 5.88
C THR C 227 3.27 -17.88 7.05
N ALA C 228 4.13 -18.66 7.71
CA ALA C 228 3.58 -19.64 8.67
C ALA C 228 3.23 -19.07 10.02
N LEU C 229 3.95 -18.05 10.48
CA LEU C 229 4.01 -17.79 11.91
C LEU C 229 3.55 -16.41 12.24
N TYR C 230 3.17 -16.27 13.50
CA TYR C 230 2.72 -14.99 14.02
C TYR C 230 3.52 -14.67 15.23
N CYS C 231 3.72 -13.38 15.45
N CYS C 231 3.75 -13.38 15.55
CA CYS C 231 4.45 -12.95 16.62
CA CYS C 231 4.50 -12.95 16.78
C CYS C 231 3.63 -13.08 17.89
C CYS C 231 3.60 -12.59 17.98
N THR C 232 2.32 -12.75 17.78
CA THR C 232 1.37 -12.50 18.86
C THR C 232 0.71 -13.78 19.36
N HIS C 233 0.07 -13.73 20.56
CA HIS C 233 -0.59 -14.90 21.13
C HIS C 233 -1.88 -15.25 20.38
N MET C 234 -2.20 -16.57 20.33
CA MET C 234 -3.35 -17.12 19.54
C MET C 234 -4.57 -16.31 19.52
N ASP C 235 -4.82 -15.71 20.69
CA ASP C 235 -6.14 -15.09 20.77
C ASP C 235 -6.04 -13.58 20.84
N ASP C 236 -4.88 -13.05 20.45
CA ASP C 236 -4.77 -11.62 20.30
C ASP C 236 -5.72 -11.20 19.15
N PRO C 237 -6.61 -10.21 19.42
CA PRO C 237 -7.52 -9.73 18.36
C PRO C 237 -6.85 -8.85 17.32
N SER C 238 -5.55 -8.60 17.51
CA SER C 238 -4.69 -7.90 16.55
C SER C 238 -3.46 -8.78 16.23
N PRO C 239 -3.63 -9.84 15.40
CA PRO C 239 -2.46 -10.68 15.08
C PRO C 239 -1.41 -9.98 14.26
N ARG C 240 -0.18 -10.34 14.55
CA ARG C 240 0.93 -9.80 13.76
C ARG C 240 1.75 -10.93 13.14
N GLU C 241 1.97 -10.91 11.82
CA GLU C 241 2.75 -11.95 11.19
C GLU C 241 4.19 -11.80 11.60
N MET C 242 4.82 -12.94 11.80
CA MET C 242 6.26 -12.99 12.02
C MET C 242 7.02 -12.95 10.71
N ILE C 243 7.47 -11.75 10.40
CA ILE C 243 8.20 -11.47 9.17
C ILE C 243 9.32 -10.46 9.49
N ASN C 244 10.31 -10.43 8.62
CA ASN C 244 11.38 -9.44 8.76
C ASN C 244 12.04 -9.50 10.13
N ASN C 245 12.29 -10.73 10.61
CA ASN C 245 12.85 -10.92 11.96
C ASN C 245 14.36 -11.07 11.92
N PHE C 246 14.98 -10.04 11.33
CA PHE C 246 16.46 -9.98 11.21
C PHE C 246 16.89 -8.63 11.66
N ARG C 247 18.11 -8.55 12.17
CA ARG C 247 18.68 -7.25 12.55
C ARG C 247 19.37 -6.61 11.34
N GLN C 248 19.32 -5.29 11.19
CA GLN C 248 20.11 -4.62 10.16
C GLN C 248 21.59 -4.86 10.39
N VAL C 249 22.38 -4.74 9.34
CA VAL C 249 23.81 -4.89 9.49
C VAL C 249 24.37 -3.73 10.29
N GLN C 250 25.42 -4.04 11.04
CA GLN C 250 26.11 -3.12 11.95
C GLN C 250 27.37 -2.57 11.28
N LYS C 251 27.76 -1.38 11.68
CA LYS C 251 29.05 -0.87 11.27
C LYS C 251 30.14 -1.83 11.68
N PHE C 252 31.19 -1.95 10.88
CA PHE C 252 32.31 -2.92 11.12
C PHE C 252 33.51 -2.22 10.51
N ASP C 253 34.26 -1.50 11.30
CA ASP C 253 35.30 -0.63 10.77
C ASP C 253 36.62 -0.96 11.36
N GLU C 254 37.64 -0.92 10.51
CA GLU C 254 39.01 -1.22 10.95
C GLU C 254 39.11 -2.64 11.51
N ARG C 255 38.36 -3.55 10.90
CA ARG C 255 38.32 -4.94 11.32
C ARG C 255 38.33 -5.85 10.10
N LEU C 256 38.75 -7.09 10.30
CA LEU C 256 38.82 -8.08 9.25
C LEU C 256 37.82 -9.21 9.51
N VAL C 257 37.40 -9.84 8.43
CA VAL C 257 36.72 -11.11 8.51
C VAL C 257 37.71 -12.11 7.94
N TYR C 258 37.94 -13.16 8.69
CA TYR C 258 38.91 -14.16 8.28
C TYR C 258 38.24 -15.25 7.48
N THR C 259 38.94 -15.79 6.47
CA THR C 259 38.31 -16.74 5.61
C THR C 259 39.15 -17.98 5.56
N SER C 260 38.48 -19.14 5.45
CA SER C 260 39.17 -20.43 5.42
C SER C 260 39.55 -20.74 4.00
N PHE C 261 39.18 -19.91 3.04
CA PHE C 261 39.34 -20.15 1.64
C PHE C 261 40.14 -19.00 1.15
N SER C 262 40.88 -19.22 0.10
CA SER C 262 41.52 -18.02 -0.46
C SER C 262 40.81 -17.59 -1.70
N GLN C 263 40.58 -18.60 -2.48
CA GLN C 263 40.17 -18.35 -3.85
C GLN C 263 38.66 -18.55 -3.86
N LYS D 3 25.45 15.07 23.00
CA LYS D 3 26.76 14.38 22.78
C LYS D 3 26.63 13.12 21.92
N TRP D 4 25.59 13.03 21.09
CA TRP D 4 25.42 11.88 20.22
C TRP D 4 26.56 11.85 19.21
N THR D 5 26.90 10.65 18.74
CA THR D 5 28.01 10.47 17.79
C THR D 5 27.61 9.42 16.76
N TYR D 6 28.57 9.11 15.89
CA TYR D 6 28.39 7.99 14.96
C TYR D 6 29.24 6.78 15.35
N PHE D 7 29.90 6.80 16.50
CA PHE D 7 30.86 5.70 16.80
C PHE D 7 31.01 5.59 18.30
N GLY D 8 30.90 4.38 18.81
CA GLY D 8 31.18 4.17 20.22
C GLY D 8 29.90 4.20 21.01
N PRO D 9 30.01 4.39 22.33
CA PRO D 9 28.87 4.25 23.22
C PRO D 9 27.69 5.14 22.94
N ASP D 10 27.97 6.30 22.35
CA ASP D 10 26.88 7.25 22.02
C ASP D 10 26.48 7.23 20.56
N GLY D 11 26.86 6.18 19.86
CA GLY D 11 26.53 6.01 18.46
C GLY D 11 25.11 5.59 18.20
N GLU D 12 24.83 5.23 16.94
CA GLU D 12 23.45 5.25 16.45
C GLU D 12 22.53 4.26 17.11
N ASN D 13 23.04 3.14 17.63
CA ASN D 13 22.16 2.22 18.33
C ASN D 13 21.74 2.76 19.71
N SER D 14 22.35 3.83 20.17
CA SER D 14 22.02 4.46 21.46
C SER D 14 21.22 5.73 21.30
N TRP D 15 21.06 6.27 20.09
CA TRP D 15 20.38 7.53 19.93
C TRP D 15 18.99 7.56 20.55
N SER D 16 18.31 6.44 20.45
CA SER D 16 16.93 6.37 20.95
C SER D 16 16.87 6.51 22.47
N LYS D 17 17.96 6.41 23.19
CA LYS D 17 17.89 6.56 24.65
C LYS D 17 17.53 7.99 24.96
N LYS D 18 17.95 8.93 24.18
CA LYS D 18 17.72 10.36 24.40
C LYS D 18 16.73 10.95 23.40
N TYR D 19 16.58 10.32 22.25
CA TYR D 19 15.82 10.87 21.15
C TYR D 19 14.82 9.83 20.70
N PRO D 20 13.64 9.83 21.31
CA PRO D 20 12.75 8.71 21.11
C PRO D 20 12.34 8.49 19.64
N SER D 21 12.30 9.55 18.82
CA SER D 21 11.91 9.31 17.44
C SER D 21 12.94 8.48 16.67
N CYS D 22 14.17 8.39 17.15
CA CYS D 22 15.16 7.57 16.50
C CYS D 22 14.86 6.09 16.60
N GLY D 23 13.94 5.71 17.56
CA GLY D 23 13.41 4.38 17.67
C GLY D 23 11.98 4.23 17.20
N GLY D 24 11.50 5.26 16.51
CA GLY D 24 10.11 5.30 16.04
C GLY D 24 9.95 4.87 14.62
N LEU D 25 8.83 5.16 14.04
CA LEU D 25 8.57 4.77 12.70
C LEU D 25 9.23 5.67 11.65
N LEU D 26 9.17 5.23 10.40
CA LEU D 26 9.50 6.05 9.22
C LEU D 26 10.91 6.60 9.22
N GLN D 27 11.85 5.78 9.68
CA GLN D 27 13.25 6.26 9.75
C GLN D 27 13.96 6.18 8.42
N SER D 28 14.91 7.09 8.27
CA SER D 28 15.81 7.15 7.11
C SER D 28 17.27 6.98 7.65
N PRO D 29 18.21 6.59 6.78
CA PRO D 29 18.06 6.31 5.35
C PRO D 29 17.62 4.89 5.14
N ILE D 30 17.49 4.54 3.86
CA ILE D 30 17.03 3.21 3.45
C ILE D 30 17.83 2.78 2.26
N ASP D 31 17.75 1.45 2.03
CA ASP D 31 18.31 0.83 0.82
C ASP D 31 17.28 0.86 -0.30
N LEU D 32 17.62 1.46 -1.40
CA LEU D 32 16.72 1.59 -2.55
C LEU D 32 16.97 0.37 -3.45
N HIS D 33 16.02 -0.57 -3.48
CA HIS D 33 16.18 -1.84 -4.22
C HIS D 33 14.86 -2.19 -4.86
N SER D 34 14.97 -3.06 -5.88
CA SER D 34 13.86 -3.22 -6.81
C SER D 34 12.59 -3.68 -6.09
N ASP D 35 12.61 -4.52 -5.06
CA ASP D 35 11.39 -5.06 -4.48
C ASP D 35 10.46 -4.00 -3.95
N ILE D 36 11.03 -2.85 -3.54
CA ILE D 36 10.23 -1.83 -2.89
C ILE D 36 10.01 -0.59 -3.70
N LEU D 37 10.41 -0.64 -4.97
CA LEU D 37 10.17 0.50 -5.86
C LEU D 37 8.85 0.42 -6.64
N GLN D 38 8.23 1.56 -6.83
CA GLN D 38 6.99 1.55 -7.59
C GLN D 38 6.92 2.82 -8.36
N TYR D 39 6.76 2.73 -9.67
CA TYR D 39 6.60 3.91 -10.45
C TYR D 39 5.33 4.66 -10.07
N ASP D 40 5.41 5.99 -10.03
CA ASP D 40 4.24 6.79 -9.71
C ASP D 40 4.22 7.96 -10.64
N ALA D 41 3.18 7.99 -11.52
CA ALA D 41 3.10 9.07 -12.53
C ALA D 41 2.81 10.43 -11.93
N SER D 42 2.44 10.47 -10.64
CA SER D 42 2.20 11.78 -10.00
C SER D 42 3.53 12.52 -9.72
N LEU D 43 4.69 11.82 -9.86
CA LEU D 43 5.99 12.41 -9.47
C LEU D 43 6.56 13.21 -10.63
N THR D 44 6.15 14.44 -10.73
CA THR D 44 6.50 15.35 -11.82
C THR D 44 7.75 16.07 -11.42
N PRO D 45 8.43 16.71 -12.37
CA PRO D 45 9.72 17.30 -12.08
C PRO D 45 9.70 18.41 -11.06
N LEU D 46 10.65 18.43 -10.17
CA LEU D 46 10.80 19.53 -9.26
C LEU D 46 11.40 20.72 -9.95
N GLU D 47 11.03 21.91 -9.45
CA GLU D 47 11.69 23.12 -9.99
C GLU D 47 12.49 23.81 -8.90
N PHE D 48 13.75 24.16 -9.32
CA PHE D 48 14.78 24.72 -8.32
C PHE D 48 14.88 26.21 -8.52
N GLN D 49 14.35 26.99 -7.59
CA GLN D 49 14.17 28.42 -7.78
C GLN D 49 15.11 29.12 -6.82
N GLY D 50 15.78 30.13 -7.31
CA GLY D 50 16.70 30.93 -6.51
C GLY D 50 17.92 30.11 -6.00
N TYR D 51 18.24 29.03 -6.74
CA TYR D 51 19.43 28.28 -6.44
C TYR D 51 20.71 28.99 -6.94
N ASN D 52 20.59 29.96 -7.85
CA ASN D 52 21.76 30.60 -8.39
C ASN D 52 22.19 31.77 -7.47
N LEU D 53 23.05 31.47 -6.50
CA LEU D 53 23.41 32.48 -5.49
C LEU D 53 24.49 33.42 -6.03
N SER D 54 24.31 34.71 -5.75
CA SER D 54 25.25 35.71 -6.23
C SER D 54 26.71 35.52 -5.67
N ALA D 55 27.73 35.68 -6.51
CA ALA D 55 29.16 35.59 -6.10
C ALA D 55 29.50 36.79 -5.23
N ASN D 56 28.69 37.84 -5.29
CA ASN D 56 28.95 39.00 -4.39
C ASN D 56 28.20 38.94 -3.06
N LYS D 57 27.56 37.80 -2.81
N LYS D 57 27.48 37.86 -2.78
CA LYS D 57 26.93 37.52 -1.55
CA LYS D 57 26.91 37.58 -1.48
C LYS D 57 27.72 36.39 -0.89
C LYS D 57 27.76 36.48 -0.87
N GLN D 58 27.67 36.34 0.44
CA GLN D 58 28.42 35.35 1.20
C GLN D 58 27.48 34.53 2.01
N PHE D 59 27.80 33.25 2.20
CA PHE D 59 26.97 32.30 2.91
C PHE D 59 27.79 31.59 3.95
N LEU D 60 27.23 31.40 5.11
CA LEU D 60 27.98 30.88 6.25
C LEU D 60 28.14 29.40 6.25
N LEU D 61 29.43 28.96 6.30
CA LEU D 61 29.75 27.55 6.44
C LEU D 61 30.13 27.33 7.91
N THR D 62 29.60 26.29 8.52
CA THR D 62 29.85 26.04 9.95
C THR D 62 30.10 24.53 10.11
N ASN D 63 31.11 24.17 10.92
CA ASN D 63 31.25 22.82 11.46
C ASN D 63 30.44 22.72 12.67
N ASN D 64 29.38 21.88 12.61
CA ASN D 64 28.49 21.83 13.80
C ASN D 64 28.72 20.61 14.65
N GLY D 65 29.90 19.98 14.58
CA GLY D 65 30.17 18.80 15.44
C GLY D 65 29.78 17.45 14.78
N HIS D 66 28.98 17.51 13.70
CA HIS D 66 28.37 16.29 13.05
C HIS D 66 28.54 16.17 11.61
N SER D 67 28.65 17.33 10.96
N SER D 67 28.60 17.32 10.93
CA SER D 67 28.89 17.49 9.54
CA SER D 67 28.79 17.44 9.46
C SER D 67 29.42 18.92 9.29
C SER D 67 29.39 18.88 9.29
N VAL D 68 29.66 19.23 8.03
N VAL D 68 29.66 19.25 8.04
CA VAL D 68 29.91 20.58 7.58
CA VAL D 68 29.89 20.61 7.72
C VAL D 68 28.62 21.13 6.94
C VAL D 68 28.57 21.10 7.09
N LYS D 69 28.03 22.29 7.46
CA LYS D 69 26.78 22.87 6.80
C LYS D 69 27.06 24.23 6.22
N LEU D 70 26.40 24.46 5.08
CA LEU D 70 26.35 25.74 4.44
C LEU D 70 24.96 26.30 4.61
N ASN D 71 24.81 27.45 5.21
CA ASN D 71 23.49 28.09 5.31
C ASN D 71 23.04 28.59 3.98
N LEU D 72 21.74 28.48 3.72
CA LEU D 72 21.14 28.88 2.44
C LEU D 72 20.03 29.90 2.74
N PRO D 73 19.74 30.77 1.76
CA PRO D 73 18.76 31.83 1.94
C PRO D 73 17.34 31.32 1.71
N SER D 74 16.34 31.78 2.46
CA SER D 74 14.97 31.28 2.27
C SER D 74 14.34 31.65 0.93
N ASP D 75 14.95 32.57 0.16
N ASP D 75 14.92 32.58 0.17
CA ASP D 75 14.39 32.93 -1.19
CA ASP D 75 14.44 32.94 -1.18
C ASP D 75 14.69 31.76 -2.16
C ASP D 75 14.68 31.73 -2.13
N MET D 76 15.62 30.88 -1.77
CA MET D 76 15.90 29.66 -2.50
C MET D 76 14.83 28.61 -2.13
N HIS D 77 14.18 27.99 -3.14
CA HIS D 77 13.10 27.09 -2.85
C HIS D 77 12.87 26.09 -3.87
N ILE D 78 12.10 25.06 -3.59
N ILE D 78 12.10 25.05 -3.48
CA ILE D 78 11.73 24.14 -4.64
CA ILE D 78 11.54 24.00 -4.42
C ILE D 78 10.25 24.45 -4.86
C ILE D 78 10.00 24.02 -4.62
N GLN D 79 9.67 23.94 -5.91
CA GLN D 79 8.27 23.88 -6.26
C GLN D 79 7.95 22.50 -6.91
N GLY D 80 6.77 21.95 -6.53
CA GLY D 80 6.31 20.72 -7.12
C GLY D 80 5.75 19.77 -6.12
N LEU D 81 6.03 20.14 -4.81
CA LEU D 81 5.45 19.30 -3.71
C LEU D 81 4.12 19.87 -3.26
N GLN D 82 3.56 19.31 -2.22
CA GLN D 82 2.22 19.74 -1.81
C GLN D 82 2.18 21.14 -1.23
N SER D 83 3.34 21.64 -0.84
CA SER D 83 3.55 23.00 -0.25
C SER D 83 4.86 23.56 -0.84
N ARG D 84 5.13 24.87 -0.76
CA ARG D 84 6.45 25.45 -0.96
C ARG D 84 7.44 25.06 0.13
N TYR D 85 8.63 24.61 -0.26
CA TYR D 85 9.69 24.29 0.64
C TYR D 85 10.84 25.21 0.40
N SER D 86 11.25 25.96 1.43
CA SER D 86 12.29 26.92 1.28
C SER D 86 13.62 26.35 1.85
N ALA D 87 14.73 26.66 1.20
CA ALA D 87 16.03 26.09 1.68
C ALA D 87 16.42 26.66 3.01
N THR D 88 17.17 25.84 3.75
CA THR D 88 17.79 26.31 4.98
C THR D 88 19.27 25.99 5.08
N GLN D 89 19.71 24.81 4.60
CA GLN D 89 21.15 24.52 4.67
C GLN D 89 21.40 23.31 3.76
N LEU D 90 22.68 23.12 3.44
CA LEU D 90 23.10 21.86 2.86
C LEU D 90 24.30 21.32 3.69
N HIS D 91 24.53 20.03 3.59
CA HIS D 91 25.61 19.38 4.31
C HIS D 91 25.88 18.05 3.63
N LEU D 92 26.91 17.35 4.13
CA LEU D 92 27.34 16.11 3.53
C LEU D 92 27.48 15.00 4.57
N HIS D 93 27.58 13.79 4.09
CA HIS D 93 27.91 12.56 4.84
C HIS D 93 28.92 11.79 4.08
N TRP D 94 29.89 11.23 4.79
CA TRP D 94 31.01 10.54 4.17
C TRP D 94 31.59 9.47 5.07
N GLY D 95 32.55 8.72 4.51
CA GLY D 95 33.16 7.60 5.18
C GLY D 95 34.52 8.01 5.75
N ASN D 96 35.58 7.31 5.30
CA ASN D 96 36.92 7.65 5.80
C ASN D 96 37.89 7.13 4.80
N PRO D 97 39.20 7.43 4.93
CA PRO D 97 40.12 7.11 3.89
C PRO D 97 40.20 5.61 3.59
N ASN D 98 40.04 4.76 4.61
CA ASN D 98 40.10 3.29 4.40
C ASN D 98 38.77 2.68 4.02
N ASP D 99 37.72 3.50 3.99
CA ASP D 99 36.40 3.02 3.58
C ASP D 99 35.66 4.19 2.98
N PRO D 100 35.93 4.56 1.75
CA PRO D 100 35.30 5.77 1.15
C PRO D 100 33.93 5.37 0.58
N HIS D 101 33.06 4.95 1.47
CA HIS D 101 31.72 4.42 1.10
C HIS D 101 30.74 4.86 2.17
N GLY D 102 30.55 6.15 2.28
CA GLY D 102 29.79 6.76 3.37
C GLY D 102 28.53 7.46 2.98
N SER D 103 27.93 7.11 1.83
CA SER D 103 26.56 7.58 1.58
C SER D 103 25.64 7.04 2.69
N GLU D 104 24.52 7.73 2.87
CA GLU D 104 23.48 7.25 3.80
C GLU D 104 22.52 6.30 3.08
N HIS D 105 21.87 6.79 2.02
CA HIS D 105 21.13 5.88 1.18
C HIS D 105 22.06 4.96 0.41
N THR D 106 21.58 3.75 0.20
CA THR D 106 22.30 2.79 -0.63
C THR D 106 21.38 2.41 -1.79
N VAL D 107 21.98 1.88 -2.87
CA VAL D 107 21.18 1.46 -4.02
C VAL D 107 21.58 0.01 -4.26
N SER D 108 20.60 -0.86 -4.21
CA SER D 108 20.82 -2.32 -4.41
C SER D 108 21.97 -2.77 -3.52
N GLY D 109 21.95 -2.36 -2.26
CA GLY D 109 22.91 -2.81 -1.23
C GLY D 109 24.23 -2.13 -1.27
N GLN D 110 24.46 -1.18 -2.16
N GLN D 110 24.45 -1.18 -2.16
CA GLN D 110 25.77 -0.54 -2.33
CA GLN D 110 25.77 -0.56 -2.25
C GLN D 110 25.75 0.87 -1.86
C GLN D 110 25.75 0.88 -1.84
N HIS D 111 26.74 1.24 -1.04
CA HIS D 111 26.99 2.61 -0.73
C HIS D 111 27.62 3.31 -1.90
N PHE D 112 27.38 4.58 -1.98
CA PHE D 112 28.22 5.50 -2.70
C PHE D 112 29.25 6.09 -1.80
N ALA D 113 30.19 6.86 -2.37
CA ALA D 113 31.30 7.42 -1.58
C ALA D 113 30.78 8.39 -0.52
N ALA D 114 29.79 9.23 -0.89
CA ALA D 114 29.35 10.31 0.01
C ALA D 114 27.94 10.67 -0.41
N GLU D 115 27.34 11.63 0.29
CA GLU D 115 25.98 12.06 -0.02
C GLU D 115 25.84 13.49 0.38
N LEU D 116 25.20 14.29 -0.49
CA LEU D 116 24.85 15.68 -0.20
C LEU D 116 23.39 15.77 0.12
N HIS D 117 23.03 16.50 1.17
CA HIS D 117 21.64 16.79 1.52
C HIS D 117 21.39 18.25 1.46
N ILE D 118 20.38 18.64 0.68
CA ILE D 118 19.96 20.05 0.62
C ILE D 118 18.63 20.15 1.36
N VAL D 119 18.62 20.71 2.57
CA VAL D 119 17.50 20.71 3.45
C VAL D 119 16.61 21.91 3.19
N HIS D 120 15.31 21.62 3.11
CA HIS D 120 14.29 22.70 2.97
C HIS D 120 13.20 22.45 4.01
N TYR D 121 12.49 23.58 4.35
CA TYR D 121 11.41 23.50 5.30
C TYR D 121 10.14 24.01 4.68
N ASN D 122 9.03 23.61 5.27
CA ASN D 122 7.67 23.96 4.78
C ASN D 122 7.38 25.36 5.24
N SER D 123 7.68 26.33 4.36
CA SER D 123 7.47 27.72 4.73
C SER D 123 6.05 28.17 4.52
N ASP D 124 5.22 27.37 3.88
CA ASP D 124 3.73 27.63 3.93
C ASP D 124 3.15 27.40 5.31
N LEU D 125 3.63 26.46 6.11
CA LEU D 125 3.12 26.14 7.41
C LEU D 125 3.88 26.75 8.51
N TYR D 126 5.23 26.87 8.38
CA TYR D 126 6.05 27.19 9.49
C TYR D 126 6.92 28.37 9.25
N PRO D 127 7.33 29.04 10.35
CA PRO D 127 8.04 30.28 10.18
C PRO D 127 9.55 30.13 9.94
N ASP D 128 10.08 28.95 10.23
CA ASP D 128 11.49 28.74 10.23
C ASP D 128 11.75 27.25 10.30
N ALA D 129 12.96 26.84 9.96
CA ALA D 129 13.27 25.43 9.84
C ALA D 129 13.21 24.68 11.18
N SER D 130 13.68 25.37 12.24
N SER D 130 13.69 25.29 12.27
CA SER D 130 13.68 24.75 13.57
CA SER D 130 13.69 24.61 13.58
C SER D 130 12.28 24.36 13.93
C SER D 130 12.25 24.35 14.04
N THR D 131 11.38 25.32 13.79
CA THR D 131 9.97 25.08 14.15
C THR D 131 9.36 23.95 13.32
N ALA D 132 9.71 23.91 12.03
CA ALA D 132 9.17 22.94 11.15
C ALA D 132 9.64 21.52 11.43
N SER D 133 10.85 21.39 11.98
CA SER D 133 11.52 20.14 11.95
C SER D 133 10.82 19.04 12.70
N ASN D 134 10.03 19.35 13.73
CA ASN D 134 9.31 18.30 14.50
C ASN D 134 7.83 18.28 14.24
N LYS D 135 7.42 18.84 13.11
CA LYS D 135 5.97 18.99 12.84
C LYS D 135 5.62 18.42 11.51
N SER D 136 4.34 18.26 11.34
N SER D 136 4.36 17.99 11.44
CA SER D 136 3.78 17.59 10.21
CA SER D 136 3.74 17.47 10.19
C SER D 136 4.18 18.23 8.86
C SER D 136 4.23 18.16 8.92
N GLU D 137 4.65 17.39 7.95
CA GLU D 137 5.01 17.87 6.67
C GLU D 137 6.15 18.90 6.77
N GLY D 138 6.99 18.91 7.81
CA GLY D 138 7.85 20.05 8.04
C GLY D 138 9.00 20.20 7.06
N LEU D 139 9.58 19.09 6.55
CA LEU D 139 10.88 19.21 5.84
C LEU D 139 10.81 18.43 4.53
N ALA D 140 11.63 18.89 3.62
CA ALA D 140 11.91 18.19 2.31
C ALA D 140 13.41 18.26 2.09
N VAL D 141 14.02 17.09 1.90
CA VAL D 141 15.42 17.05 1.67
C VAL D 141 15.71 16.50 0.29
N LEU D 142 16.63 17.11 -0.44
CA LEU D 142 17.14 16.58 -1.68
C LEU D 142 18.42 15.85 -1.40
N ALA D 143 18.58 14.65 -1.90
CA ALA D 143 19.82 13.87 -1.72
C ALA D 143 20.46 13.62 -3.04
N VAL D 144 21.74 13.92 -3.08
CA VAL D 144 22.59 13.62 -4.24
C VAL D 144 23.63 12.58 -3.80
N LEU D 145 23.63 11.47 -4.49
CA LEU D 145 24.62 10.41 -4.27
C LEU D 145 25.90 10.83 -4.96
N ILE D 146 27.04 10.60 -4.27
CA ILE D 146 28.35 11.06 -4.77
C ILE D 146 29.25 9.88 -4.94
N GLU D 147 29.72 9.59 -6.15
N GLU D 147 29.89 9.85 -6.11
CA GLU D 147 30.66 8.48 -6.39
CA GLU D 147 30.75 8.78 -6.52
C GLU D 147 32.06 9.10 -6.70
C GLU D 147 32.17 9.25 -6.67
N MET D 148 33.13 8.33 -6.36
CA MET D 148 34.48 8.69 -6.64
C MET D 148 34.69 8.65 -8.18
N GLY D 149 35.13 9.77 -8.72
CA GLY D 149 35.30 9.90 -10.16
C GLY D 149 36.11 11.10 -10.50
N SER D 150 35.66 11.94 -11.42
CA SER D 150 36.37 13.10 -11.84
C SER D 150 36.26 14.25 -10.82
N PHE D 151 37.29 15.08 -10.81
CA PHE D 151 37.27 16.33 -10.04
C PHE D 151 36.06 17.16 -10.37
N ASN D 152 35.45 17.73 -9.32
CA ASN D 152 34.21 18.47 -9.45
C ASN D 152 34.44 19.89 -9.02
N PRO D 153 34.68 20.84 -9.96
N PRO D 153 34.54 20.81 -9.98
CA PRO D 153 34.90 22.25 -9.61
CA PRO D 153 34.89 22.17 -9.55
C PRO D 153 33.78 22.87 -8.79
C PRO D 153 33.78 22.79 -8.72
N SER D 154 32.53 22.43 -8.96
CA SER D 154 31.45 23.04 -8.21
C SER D 154 31.45 22.60 -6.78
N TYR D 155 31.65 21.30 -6.48
CA TYR D 155 31.77 20.89 -5.08
C TYR D 155 33.02 21.50 -4.46
N ASP D 156 34.06 21.73 -5.23
CA ASP D 156 35.24 22.39 -4.69
C ASP D 156 35.01 23.84 -4.17
N LYS D 157 33.91 24.47 -4.66
CA LYS D 157 33.60 25.80 -4.17
C LYS D 157 33.22 25.70 -2.68
N ILE D 158 32.76 24.56 -2.19
CA ILE D 158 32.58 24.28 -0.76
C ILE D 158 33.86 23.78 -0.17
N PHE D 159 34.44 22.73 -0.79
CA PHE D 159 35.53 22.02 -0.16
C PHE D 159 36.78 22.84 0.05
N SER D 160 37.01 23.85 -0.76
CA SER D 160 38.16 24.68 -0.60
C SER D 160 38.17 25.46 0.75
N HIS D 161 37.03 25.56 1.42
CA HIS D 161 36.94 26.32 2.65
C HIS D 161 37.03 25.44 3.88
N LEU D 162 37.19 24.10 3.71
CA LEU D 162 37.12 23.18 4.88
C LEU D 162 38.11 23.46 5.96
N GLN D 163 39.29 23.91 5.60
CA GLN D 163 40.29 24.04 6.60
C GLN D 163 39.88 25.19 7.57
N HIS D 164 38.98 26.09 7.17
CA HIS D 164 38.54 27.19 8.00
C HIS D 164 37.44 26.82 8.98
N VAL D 165 36.88 25.61 8.88
CA VAL D 165 35.86 25.14 9.77
C VAL D 165 36.25 23.76 10.33
N LYS D 166 37.53 23.63 10.60
CA LYS D 166 38.05 22.33 11.00
C LYS D 166 37.41 21.82 12.31
N TYR D 167 37.13 22.73 13.27
CA TYR D 167 36.69 22.31 14.60
C TYR D 167 35.29 22.81 14.89
N LYS D 168 34.65 22.12 15.83
CA LYS D 168 33.33 22.46 16.22
C LYS D 168 33.23 23.93 16.57
N GLY D 169 32.21 24.60 16.02
CA GLY D 169 32.00 26.01 16.28
C GLY D 169 32.68 27.01 15.40
N GLN D 170 33.59 26.54 14.56
CA GLN D 170 34.25 27.43 13.61
C GLN D 170 33.30 27.68 12.43
N GLU D 171 33.50 28.83 11.82
CA GLU D 171 32.66 29.38 10.77
C GLU D 171 33.50 30.06 9.75
N ALA D 172 33.02 30.09 8.51
CA ALA D 172 33.71 30.74 7.40
C ALA D 172 32.66 31.14 6.39
N PHE D 173 32.93 32.19 5.65
CA PHE D 173 32.04 32.62 4.61
C PHE D 173 32.44 32.07 3.24
N VAL D 174 31.48 31.64 2.47
CA VAL D 174 31.61 31.06 1.13
C VAL D 174 30.92 32.04 0.18
N PRO D 175 31.59 32.52 -0.84
CA PRO D 175 30.87 33.32 -1.84
C PRO D 175 29.79 32.48 -2.51
N GLY D 176 28.68 33.10 -2.89
CA GLY D 176 27.62 32.42 -3.60
C GLY D 176 28.08 31.80 -4.90
N PHE D 177 27.40 30.72 -5.23
CA PHE D 177 27.54 30.10 -6.55
C PHE D 177 26.22 29.39 -6.79
N ASN D 178 26.10 28.86 -8.01
CA ASN D 178 24.87 28.25 -8.43
C ASN D 178 24.80 26.83 -7.82
N ILE D 179 23.94 26.67 -6.82
CA ILE D 179 23.75 25.39 -6.12
C ILE D 179 23.24 24.29 -7.07
N GLU D 180 22.43 24.53 -8.08
N GLU D 180 22.73 24.77 -8.22
CA GLU D 180 22.10 23.42 -9.03
CA GLU D 180 22.18 23.80 -9.15
C GLU D 180 23.36 22.81 -9.70
C GLU D 180 23.26 22.93 -9.67
N GLU D 181 24.48 23.47 -9.68
CA GLU D 181 25.67 22.81 -10.15
C GLU D 181 26.03 21.58 -9.29
N LEU D 182 25.47 21.46 -8.11
CA LEU D 182 25.73 20.30 -7.29
C LEU D 182 24.83 19.13 -7.58
N LEU D 183 23.76 19.38 -8.39
CA LEU D 183 22.80 18.36 -8.72
C LEU D 183 23.26 17.53 -9.89
N PRO D 184 22.78 16.28 -10.00
CA PRO D 184 23.15 15.39 -11.10
C PRO D 184 22.38 15.64 -12.34
N GLU D 185 22.71 14.80 -13.34
CA GLU D 185 21.91 14.77 -14.57
C GLU D 185 20.52 14.23 -14.35
N ARG D 186 19.61 14.76 -15.19
CA ARG D 186 18.23 14.18 -15.26
C ARG D 186 17.62 14.22 -13.86
N THR D 187 17.57 15.40 -13.31
CA THR D 187 16.90 15.53 -12.04
C THR D 187 15.44 15.14 -12.02
N ALA D 188 14.75 15.05 -13.22
CA ALA D 188 13.39 14.54 -13.28
C ALA D 188 13.29 13.08 -12.86
N GLU D 189 14.45 12.41 -12.75
N GLU D 189 14.40 12.28 -12.87
CA GLU D 189 14.55 11.00 -12.41
CA GLU D 189 14.33 10.90 -12.39
C GLU D 189 14.93 10.88 -10.91
C GLU D 189 14.84 10.86 -10.93
N TYR D 190 14.00 10.42 -10.06
CA TYR D 190 14.28 10.39 -8.65
C TYR D 190 13.42 9.35 -7.95
N TYR D 191 13.89 9.02 -6.76
CA TYR D 191 13.17 8.23 -5.80
C TYR D 191 12.52 9.17 -4.79
N ARG D 192 11.29 8.86 -4.35
CA ARG D 192 10.57 9.68 -3.36
C ARG D 192 10.03 8.79 -2.25
N TYR D 193 10.21 9.14 -1.00
CA TYR D 193 9.54 8.41 0.06
C TYR D 193 9.42 9.29 1.28
N ARG D 194 8.58 8.87 2.19
N ARG D 194 8.57 8.88 2.19
CA ARG D 194 8.39 9.54 3.48
CA ARG D 194 8.36 9.57 3.48
C ARG D 194 9.33 8.96 4.52
C ARG D 194 9.30 8.96 4.52
N GLY D 195 10.14 9.81 5.13
CA GLY D 195 11.06 9.31 6.14
C GLY D 195 11.35 10.40 7.16
N SER D 196 12.57 10.39 7.63
CA SER D 196 12.98 11.09 8.83
C SER D 196 14.23 11.85 8.61
N LEU D 197 14.56 12.67 9.60
N LEU D 197 14.56 12.67 9.60
CA LEU D 197 15.94 13.13 9.72
CA LEU D 197 15.94 13.13 9.72
C LEU D 197 16.82 11.91 9.98
C LEU D 197 16.82 11.92 9.98
N THR D 198 18.02 11.90 9.40
CA THR D 198 18.94 10.77 9.59
C THR D 198 19.82 10.98 10.77
N THR D 199 19.62 12.09 11.50
CA THR D 199 20.40 12.44 12.67
C THR D 199 19.39 12.65 13.80
N PRO D 200 19.77 12.53 15.08
CA PRO D 200 18.91 13.02 16.16
C PRO D 200 18.49 14.42 15.88
N PRO D 201 17.21 14.77 16.13
N PRO D 201 17.21 14.74 16.16
CA PRO D 201 16.23 13.94 16.85
CA PRO D 201 16.25 13.88 16.88
C PRO D 201 15.43 12.96 16.00
C PRO D 201 15.44 12.90 16.01
N CYS D 202 15.79 12.73 14.74
CA CYS D 202 15.24 11.62 13.93
C CYS D 202 13.73 11.85 13.63
N ASN D 203 13.23 13.07 13.70
N ASN D 203 13.29 13.13 13.68
CA ASN D 203 11.80 13.28 13.53
CA ASN D 203 11.86 13.38 13.43
C ASN D 203 11.31 12.78 12.17
C ASN D 203 11.36 12.70 12.14
N PRO D 204 10.18 12.07 12.16
CA PRO D 204 9.68 11.49 10.88
C PRO D 204 8.89 12.49 10.05
N THR D 205 9.57 13.57 9.68
CA THR D 205 8.95 14.74 9.16
C THR D 205 9.55 15.12 7.80
N VAL D 206 10.32 14.19 7.18
CA VAL D 206 11.00 14.53 5.95
C VAL D 206 10.43 13.83 4.72
N LEU D 207 10.11 14.64 3.74
CA LEU D 207 9.82 14.05 2.40
C LEU D 207 11.14 13.99 1.64
N TRP D 208 11.59 12.79 1.40
CA TRP D 208 12.90 12.58 0.75
C TRP D 208 12.76 12.49 -0.75
N THR D 209 13.67 13.15 -1.45
CA THR D 209 13.85 12.98 -2.86
C THR D 209 15.35 12.64 -3.11
N VAL D 210 15.57 11.44 -3.62
CA VAL D 210 16.95 10.99 -3.86
C VAL D 210 17.11 10.91 -5.35
N PHE D 211 17.95 11.71 -5.93
CA PHE D 211 18.08 11.68 -7.38
C PHE D 211 18.60 10.34 -7.85
N ARG D 212 18.09 9.87 -8.99
CA ARG D 212 18.58 8.60 -9.52
C ARG D 212 20.04 8.58 -9.86
N ASN D 213 20.55 9.64 -10.45
CA ASN D 213 21.90 9.64 -10.94
C ASN D 213 22.86 10.28 -9.93
N PRO D 214 24.05 9.70 -9.73
CA PRO D 214 25.03 10.28 -8.87
C PRO D 214 25.78 11.39 -9.56
N VAL D 215 26.52 12.18 -8.79
CA VAL D 215 27.58 13.04 -9.27
C VAL D 215 28.92 12.42 -8.95
N GLN D 216 30.01 12.96 -9.49
CA GLN D 216 31.34 12.51 -9.16
C GLN D 216 32.11 13.62 -8.50
N ILE D 217 32.98 13.25 -7.54
CA ILE D 217 34.06 14.09 -7.04
C ILE D 217 35.33 13.22 -7.03
N SER D 218 36.49 13.84 -7.02
CA SER D 218 37.68 13.03 -7.13
C SER D 218 38.09 12.35 -5.84
N GLN D 219 38.98 11.38 -5.97
CA GLN D 219 39.58 10.76 -4.81
C GLN D 219 40.25 11.84 -3.92
N GLU D 220 40.92 12.80 -4.55
CA GLU D 220 41.60 13.82 -3.73
C GLU D 220 40.60 14.65 -3.04
N GLN D 221 39.47 14.99 -3.65
CA GLN D 221 38.44 15.75 -2.93
C GLN D 221 37.87 14.97 -1.81
N LEU D 222 37.60 13.66 -2.03
CA LEU D 222 37.09 12.82 -0.96
C LEU D 222 38.05 12.70 0.18
N LEU D 223 39.34 12.51 -0.12
CA LEU D 223 40.33 12.38 0.98
C LEU D 223 40.40 13.68 1.77
N ALA D 224 40.37 14.81 1.08
CA ALA D 224 40.39 16.10 1.77
C ALA D 224 39.19 16.20 2.71
N LEU D 225 37.99 15.89 2.20
CA LEU D 225 36.78 15.94 3.00
C LEU D 225 36.89 15.03 4.22
N GLU D 226 37.39 13.80 3.97
CA GLU D 226 37.50 12.78 4.99
C GLU D 226 38.53 13.09 6.08
N THR D 227 39.40 14.00 5.82
CA THR D 227 40.51 14.31 6.75
C THR D 227 40.49 15.74 7.24
N ALA D 228 39.53 16.57 6.78
CA ALA D 228 39.57 18.01 7.07
C ALA D 228 38.96 18.35 8.44
N LEU D 229 38.05 17.55 8.96
CA LEU D 229 37.14 18.08 10.00
C LEU D 229 37.19 17.20 11.27
N TYR D 230 36.90 17.86 12.39
CA TYR D 230 36.75 17.23 13.68
C TYR D 230 35.38 17.57 14.25
N CYS D 231 34.89 16.62 15.02
CA CYS D 231 33.62 16.79 15.74
C CYS D 231 33.74 17.67 16.95
N THR D 232 35.00 17.74 17.46
CA THR D 232 35.27 18.34 18.75
C THR D 232 35.75 19.79 18.62
N HIS D 233 35.65 20.53 19.73
N HIS D 233 35.64 20.54 19.72
CA HIS D 233 36.20 21.84 19.75
CA HIS D 233 36.18 21.87 19.78
C HIS D 233 37.68 21.79 19.67
C HIS D 233 37.66 21.80 19.68
N MET D 234 38.27 22.87 19.21
CA MET D 234 39.70 22.91 19.04
C MET D 234 40.52 22.54 20.26
N ASP D 235 39.98 22.96 21.40
N ASP D 235 40.14 22.90 21.47
CA ASP D 235 40.61 22.80 22.70
CA ASP D 235 41.04 22.51 22.56
C ASP D 235 40.17 21.55 23.47
C ASP D 235 40.54 21.30 23.34
N ASP D 236 39.59 20.56 22.80
CA ASP D 236 39.20 19.35 23.46
C ASP D 236 40.41 18.42 23.65
N PRO D 237 40.66 17.95 24.87
CA PRO D 237 41.78 17.00 25.06
C PRO D 237 41.53 15.61 24.49
N SER D 238 40.32 15.34 24.00
CA SER D 238 40.01 14.03 23.39
C SER D 238 39.41 14.31 22.01
N PRO D 239 40.24 14.70 21.06
CA PRO D 239 39.68 15.04 19.73
C PRO D 239 39.08 13.89 19.05
N ARG D 240 38.06 14.15 18.23
CA ARG D 240 37.42 13.07 17.45
C ARG D 240 37.29 13.57 16.01
N GLU D 241 37.83 12.78 15.07
CA GLU D 241 37.71 13.14 13.66
C GLU D 241 36.27 13.00 13.20
N MET D 242 35.87 13.84 12.27
CA MET D 242 34.52 13.78 11.67
C MET D 242 34.62 12.86 10.46
N ILE D 243 34.40 11.56 10.70
CA ILE D 243 34.50 10.48 9.73
C ILE D 243 33.33 9.56 9.94
N ASN D 244 32.96 8.85 8.88
CA ASN D 244 31.92 7.84 8.99
C ASN D 244 30.64 8.41 9.60
N ASN D 245 30.26 9.58 9.13
CA ASN D 245 29.13 10.30 9.70
C ASN D 245 27.87 10.02 8.90
N PHE D 246 27.58 8.72 8.77
CA PHE D 246 26.33 8.25 8.09
C PHE D 246 25.66 7.28 9.00
N ARG D 247 24.34 7.25 8.93
CA ARG D 247 23.56 6.28 9.66
C ARG D 247 23.36 5.01 8.81
N GLN D 248 23.33 3.83 9.45
CA GLN D 248 22.99 2.61 8.71
C GLN D 248 21.59 2.70 8.18
N VAL D 249 21.32 1.94 7.11
CA VAL D 249 19.96 1.89 6.56
C VAL D 249 19.02 1.23 7.58
N GLN D 250 17.72 1.64 7.43
CA GLN D 250 16.68 1.33 8.36
C GLN D 250 15.69 0.33 7.78
N LYS D 251 14.98 -0.38 8.63
CA LYS D 251 13.86 -1.23 8.17
C LYS D 251 12.87 -0.37 7.40
N PHE D 252 12.29 -1.00 6.40
CA PHE D 252 11.18 -0.34 5.69
C PHE D 252 9.86 0.01 6.42
N ASP D 253 9.41 -0.80 7.39
CA ASP D 253 8.18 -0.48 8.14
C ASP D 253 6.92 -0.51 7.25
N GLU D 254 7.02 -1.24 6.16
CA GLU D 254 5.98 -1.45 5.20
C GLU D 254 5.92 -0.37 4.09
N ARG D 255 6.79 0.63 4.17
CA ARG D 255 6.87 1.65 3.12
C ARG D 255 7.25 1.04 1.68
N LEU D 256 6.78 1.75 0.66
CA LEU D 256 7.31 1.70 -0.73
C LEU D 256 8.08 3.00 -1.01
N VAL D 257 8.94 2.91 -1.99
CA VAL D 257 9.64 4.09 -2.53
C VAL D 257 9.07 4.27 -3.92
N TYR D 258 8.60 5.46 -4.17
CA TYR D 258 7.99 5.76 -5.44
C TYR D 258 9.01 6.39 -6.36
N THR D 259 8.92 6.03 -7.63
CA THR D 259 9.92 6.48 -8.60
C THR D 259 9.26 7.26 -9.69
N SER D 260 10.00 8.21 -10.24
CA SER D 260 9.53 9.00 -11.40
C SER D 260 10.02 8.40 -12.73
N PHE D 261 10.60 7.21 -12.65
CA PHE D 261 11.12 6.51 -13.79
C PHE D 261 10.73 5.08 -13.69
N SER D 262 10.73 4.40 -14.82
CA SER D 262 10.54 2.96 -14.75
C SER D 262 11.82 2.40 -15.31
N GLN D 263 12.32 3.19 -16.22
CA GLN D 263 13.25 3.09 -17.31
ZN ZN E . -22.68 -13.75 -1.59
F18 3TV F . -19.79 -15.11 5.22
F18 3TV F . -19.75 -14.97 5.36
C7 3TV F . -20.77 -14.71 4.39
C7 3TV F . -20.74 -14.57 4.54
C6 3TV F . -20.39 -14.26 3.13
C6 3TV F . -20.41 -14.18 3.24
F17 3TV F . -19.07 -14.27 2.83
F17 3TV F . -19.10 -14.23 2.91
C8 3TV F . -22.12 -14.66 4.70
C8 3TV F . -22.08 -14.55 4.91
S11 3TV F . -22.67 -15.19 6.30
S11 3TV F . -22.59 -15.04 6.57
C12 3TV F . -22.01 -16.88 6.41
C12 3TV F . -22.97 -13.34 7.11
C13 3TV F . -21.11 -17.11 7.63
C13 3TV F . -24.08 -13.12 8.18
C14 3TV F . -21.43 -16.32 8.86
C14 3TV F . -24.81 -11.82 7.95
C9 3TV F . -22.99 -14.13 3.75
C9 3TV F . -22.99 -14.06 3.99
F15 3TV F . -24.30 -14.07 3.89
F15 3TV F . -24.25 -13.98 4.22
C10 3TV F . -22.60 -13.72 2.52
C10 3TV F . -22.66 -13.67 2.73
F16 3TV F . -23.50 -13.27 1.68
F16 3TV F . -23.63 -13.24 1.94
C5 3TV F . -21.28 -13.72 2.23
C5 3TV F . -21.35 -13.68 2.35
S1 3TV F . -20.70 -13.21 0.61
S1 3TV F . -20.78 -13.23 0.70
O3 3TV F . -20.26 -14.49 0.10
O3 3TV F . -20.39 -14.50 0.22
O4 3TV F . -19.70 -12.19 0.80
O4 3TV F . -19.78 -12.27 0.96
N2 3TV F . -21.94 -12.71 -0.27
N2 3TV F . -21.89 -12.55 -0.11
C1 EDO G . -24.35 -24.16 8.60
O1 EDO G . -24.17 -25.15 7.63
C2 EDO G . -23.24 -24.32 9.68
O2 EDO G . -21.83 -24.00 9.35
C1 EDO H . -34.67 -18.10 7.85
O1 EDO H . -34.83 -16.69 7.51
C2 EDO H . -35.57 -18.63 9.00
O2 EDO H . -35.91 -20.04 8.81
C1 EDO I . -37.05 -25.80 -12.19
O1 EDO I . -36.41 -26.95 -11.62
C2 EDO I . -36.30 -24.51 -11.96
O2 EDO I . -35.13 -24.37 -12.87
C1 PEG J . -31.26 -26.03 -22.65
O1 PEG J . -29.95 -26.37 -23.19
C2 PEG J . -32.40 -27.00 -23.00
O2 PEG J . -33.54 -26.66 -22.15
C3 PEG J . -33.92 -27.37 -20.94
C4 PEG J . -33.74 -28.92 -21.01
O4 PEG J . -33.79 -29.60 -19.70
C1 EDO K . -14.82 -0.97 -16.07
O1 EDO K . -15.40 0.07 -15.25
C2 EDO K . -13.45 -1.28 -15.78
O2 EDO K . -13.10 -2.39 -16.50
C1 EDO L . 1.13 -21.92 -12.65
O1 EDO L . 0.03 -21.03 -12.89
C2 EDO L . 1.79 -21.37 -11.39
O2 EDO L . 2.06 -22.36 -10.40
C1 EDO M . -21.90 -35.06 3.55
O1 EDO M . -21.23 -36.11 2.80
C2 EDO M . -21.39 -34.44 4.84
O2 EDO M . -20.98 -34.87 6.13
C1 EDO N . -40.40 -19.92 -12.85
O1 EDO N . -39.81 -19.04 -13.84
C2 EDO N . -40.00 -19.39 -11.39
O2 EDO N . -41.03 -18.57 -10.86
ZN ZN O . -20.60 17.03 -10.62
F18 3TV P . -23.80 18.54 -4.40
F18 3TV P . -21.94 20.38 -5.88
C7 3TV P . -23.65 19.08 -5.63
C7 3TV P . -22.87 20.12 -6.75
C6 3TV P . -23.52 18.22 -6.70
C6 3TV P . -22.68 19.02 -7.56
F17 3TV P . -23.33 16.95 -6.43
F17 3TV P . -21.57 18.27 -7.40
C8 3TV P . -23.87 20.44 -5.79
C8 3TV P . -23.97 20.93 -6.88
S11 3TV P . -24.14 21.37 -4.27
S11 3TV P . -24.13 22.33 -5.80
C12 3TV P . -24.95 22.90 -4.84
C12 3TV P . -25.51 21.92 -4.69
C13 3TV P . -26.33 22.60 -5.50
C13 3TV P . -26.81 22.34 -5.37
C14 3TV P . -26.98 23.87 -6.03
C14 3TV P . -26.77 23.81 -5.70
C9 3TV P . -23.81 20.93 -7.07
C9 3TV P . -24.94 20.67 -7.83
F15 3TV P . -23.95 22.19 -7.34
F15 3TV P . -26.04 21.38 -8.03
C10 3TV P . -23.65 20.05 -8.16
C10 3TV P . -24.74 19.60 -8.64
F16 3TV P . -23.63 20.61 -9.32
F16 3TV P . -25.68 19.25 -9.54
C5 3TV P . -23.48 18.62 -8.06
C5 3TV P . -23.65 18.76 -8.44
S1 3TV P . -23.33 17.45 -9.51
S1 3TV P . -23.39 17.41 -9.51
O3 3TV P . -23.37 18.14 -10.70
O3 3TV P . -23.32 18.11 -10.78
O4 3TV P . -24.42 16.54 -9.27
O4 3TV P . -24.46 16.51 -9.25
N2 3TV P . -22.04 16.63 -9.27
N2 3TV P . -21.85 16.75 -9.27
C1 EDO Q . -36.93 18.02 -24.35
O1 EDO Q . -37.12 17.32 -23.08
C2 EDO Q . -35.56 18.75 -24.32
O2 EDO Q . -34.46 17.95 -23.77
C1 PEG R . -1.78 23.58 -29.41
O1 PEG R . -1.30 23.48 -28.08
C2 PEG R . -3.27 23.85 -29.34
O2 PEG R . -4.18 23.24 -30.24
C3 PEG R . -3.97 21.81 -30.26
C4 PEG R . -5.10 20.87 -29.83
O4 PEG R . -5.75 19.76 -30.39
C1 CIT S . -19.36 24.83 -2.55
O1 CIT S . -18.99 25.88 -1.95
O2 CIT S . -19.64 23.82 -1.90
C2 CIT S . -19.34 24.74 -4.09
C3 CIT S . -20.83 24.50 -4.63
O7 CIT S . -21.94 25.16 -4.02
C4 CIT S . -20.87 24.76 -6.07
C5 CIT S . -21.99 25.64 -6.45
O3 CIT S . -21.78 26.88 -6.39
O4 CIT S . -23.05 25.19 -6.79
C6 CIT S . -20.89 23.04 -4.56
O5 CIT S . -19.91 22.64 -5.09
O6 CIT S . -21.69 22.42 -3.90
ZN ZN T . 19.90 -15.86 14.91
F18 3TV U . 18.25 -16.15 20.73
C7 3TV U . 19.55 -16.18 20.42
C6 3TV U . 19.96 -15.77 19.16
F17 3TV U . 18.96 -15.38 18.37
C8 3TV U . 20.43 -16.67 21.33
S11 3TV U . 19.83 -17.05 22.96
C12 3TV U . 20.48 -18.78 23.01
C13 3TV U . 21.77 -18.96 23.82
C14 3TV U . 21.56 -18.71 25.27
C9 3TV U . 21.79 -16.69 20.99
F15 3TV U . 22.74 -17.09 21.86
C10 3TV U . 22.18 -16.29 19.74
F16 3TV U . 23.48 -16.38 19.45
C5 3TV U . 21.27 -15.82 18.79
S1 3TV U . 21.85 -15.37 17.17
O3 3TV U . 22.25 -16.62 16.61
O4 3TV U . 22.89 -14.47 17.42
N2 3TV U . 20.69 -14.78 16.31
C1 EDO V . 17.95 -25.67 25.41
O1 EDO V . 18.09 -26.77 24.54
C2 EDO V . 18.96 -25.94 26.54
O2 EDO V . 20.34 -25.85 26.04
C1 PEG W . 20.97 -2.25 31.88
O1 PEG W . 21.29 -3.62 32.39
C2 PEG W . 19.60 -2.10 31.22
O2 PEG W . 18.69 -2.71 32.16
C3 PEG W . 17.72 -3.66 31.66
C4 PEG W . 17.25 -4.58 32.79
O4 PEG W . 15.80 -4.73 32.78
C1 EDO X . 3.17 -21.54 0.33
O1 EDO X . 2.86 -21.09 1.57
C2 EDO X . 4.14 -22.62 0.55
O2 EDO X . 4.53 -22.95 -0.69
ZN ZN Y . 22.05 14.69 6.06
F18 3TV Z . 16.56 18.87 8.94
F18 3TV Z . 18.87 20.02 9.72
C7 3TV Z . 17.74 18.21 9.01
C7 3TV Z . 18.97 18.67 9.74
C6 3TV Z . 17.92 17.15 8.19
C6 3TV Z . 19.11 17.75 8.63
F17 3TV Z . 16.92 16.88 7.36
F17 3TV Z . 19.12 18.38 7.49
C8 3TV Z . 18.78 18.53 9.92
C8 3TV Z . 18.97 18.09 11.00
S11 3TV Z . 18.69 19.93 11.04
S11 3TV Z . 18.81 19.08 12.50
C12 3TV Z . 18.70 19.06 12.67
C12 3TV Z . 17.86 20.58 12.02
C13 3TV Z . 18.69 19.77 14.01
C13 3TV Z . 16.56 20.32 11.24
C14 3TV Z . 19.49 21.04 14.02
C14 3TV Z . 15.97 21.62 10.81
C9 3TV Z . 19.91 17.78 9.97
C9 3TV Z . 19.11 16.73 11.13
F15 3TV Z . 20.94 18.07 10.74
F15 3TV Z . 19.05 16.21 12.39
C10 3TV Z . 20.05 16.74 9.10
C10 3TV Z . 19.23 15.88 10.02
F16 3TV Z . 21.23 16.10 9.19
F16 3TV Z . 19.38 14.59 10.31
C5 3TV Z . 19.09 16.42 8.19
C5 3TV Z . 19.23 16.32 8.67
S1 3TV Z . 19.25 15.04 7.14
S1 3TV Z . 19.29 15.11 7.21
O3 3TV Z . 19.28 15.66 5.85
O3 3TV Z . 19.22 15.83 5.95
O4 3TV Z . 18.17 14.23 7.52
O4 3TV Z . 18.21 14.14 7.44
N2 3TV Z . 20.58 14.22 7.36
N2 3TV Z . 20.74 14.49 7.43
C1 PEG AA . 27.87 26.43 16.67
O1 PEG AA . 27.90 26.77 15.28
C2 PEG AA . 27.80 24.89 16.88
O2 PEG AA . 28.36 24.39 18.11
C3 PEG AA . 29.59 24.94 18.57
C4 PEG AA . 29.56 25.55 19.95
O4 PEG AA . 30.93 25.85 20.13
C1 CIT BA . 15.57 18.65 19.87
O1 CIT BA . 15.97 19.73 20.41
O2 CIT BA . 15.92 17.51 20.36
C2 CIT BA . 14.75 18.72 18.60
C3 CIT BA . 13.21 18.43 18.71
O7 CIT BA . 12.77 19.25 19.80
C4 CIT BA . 12.48 18.81 17.43
C5 CIT BA . 13.39 19.20 16.29
O3 CIT BA . 13.76 20.40 16.30
O4 CIT BA . 13.74 18.35 15.41
C6 CIT BA . 12.78 17.00 19.15
O5 CIT BA . 13.31 16.57 20.20
O6 CIT BA . 11.92 16.21 18.58
C1 EDO CA . 38.17 21.48 27.77
O1 EDO CA . 38.29 20.43 28.74
C2 EDO CA . 39.31 22.50 27.93
O2 EDO CA . 40.46 22.09 27.17
C1 CIT DA . 23.64 23.19 14.23
O1 CIT DA . 23.98 22.59 15.24
O2 CIT DA . 23.50 24.42 14.34
C2 CIT DA . 23.51 22.41 12.91
C3 CIT DA . 22.07 22.19 12.29
O7 CIT DA . 20.92 22.82 12.91
C4 CIT DA . 22.07 22.48 10.80
C5 CIT DA . 20.90 23.35 10.50
O3 CIT DA . 21.11 24.56 10.69
O4 CIT DA . 19.88 22.87 10.13
C6 CIT DA . 21.79 20.75 12.19
O5 CIT DA . 22.81 20.14 11.90
O6 CIT DA . 20.66 20.33 12.49
C1 EDO EA . 35.70 32.97 5.78
O1 EDO EA . 35.09 33.94 6.59
C2 EDO EA . 37.17 33.04 5.91
O2 EDO EA . 37.77 31.96 6.41
#